data_2MRW
#
_entry.id   2MRW
#
_entity_poly.entity_id   1
_entity_poly.type   'polypeptide(L)'
_entity_poly.pdbx_seq_one_letter_code
;MKVHRMPKGVVLVGKAWEIRAKLKEYGRTFQYVKDWISKP
;
_entity_poly.pdbx_strand_id   A
#
# COMPACT_ATOMS: atom_id res chain seq x y z
N MET A 1 6.11 21.14 -23.27
CA MET A 1 6.38 19.75 -22.84
C MET A 1 7.84 19.38 -23.08
N LYS A 2 8.68 19.63 -22.08
CA LYS A 2 10.10 19.32 -22.18
C LYS A 2 10.35 17.89 -21.70
N VAL A 3 9.47 17.40 -20.84
CA VAL A 3 9.59 16.07 -20.29
C VAL A 3 8.26 15.33 -20.40
N HIS A 4 8.28 14.02 -20.24
CA HIS A 4 7.06 13.21 -20.31
C HIS A 4 6.43 13.12 -18.93
N ARG A 5 5.12 12.91 -18.87
CA ARG A 5 4.41 12.79 -17.61
C ARG A 5 4.99 11.63 -16.79
N MET A 6 5.25 10.53 -17.48
CA MET A 6 5.84 9.35 -16.83
C MET A 6 7.07 8.90 -17.63
N PRO A 7 8.25 9.47 -17.31
CA PRO A 7 9.50 9.13 -17.98
C PRO A 7 10.18 7.92 -17.37
N LYS A 8 11.19 7.40 -18.04
CA LYS A 8 11.92 6.24 -17.55
C LYS A 8 13.32 6.66 -17.13
N GLY A 9 14.26 5.73 -17.24
CA GLY A 9 15.63 6.03 -16.85
C GLY A 9 16.03 5.24 -15.63
N VAL A 10 15.91 5.86 -14.47
CA VAL A 10 16.26 5.21 -13.22
C VAL A 10 14.99 4.73 -12.51
N VAL A 11 14.66 3.45 -12.69
CA VAL A 11 13.47 2.88 -12.09
C VAL A 11 13.78 1.50 -11.48
N LEU A 12 13.06 1.15 -10.42
CA LEU A 12 13.24 -0.13 -9.76
C LEU A 12 11.98 -0.97 -9.89
N VAL A 13 12.07 -2.06 -10.63
CA VAL A 13 10.93 -2.95 -10.84
C VAL A 13 10.97 -4.12 -9.85
N GLY A 14 10.09 -4.07 -8.87
CA GLY A 14 10.02 -5.13 -7.87
C GLY A 14 8.67 -5.23 -7.21
N LYS A 15 8.65 -5.62 -5.94
CA LYS A 15 7.41 -5.76 -5.19
C LYS A 15 7.06 -4.47 -4.45
N ALA A 16 7.90 -3.45 -4.59
CA ALA A 16 7.68 -2.18 -3.92
C ALA A 16 6.37 -1.53 -4.36
N TRP A 17 5.94 -1.82 -5.57
CA TRP A 17 4.70 -1.27 -6.10
C TRP A 17 3.49 -2.05 -5.58
N GLU A 18 3.69 -3.32 -5.30
CA GLU A 18 2.61 -4.18 -4.83
C GLU A 18 2.39 -4.01 -3.33
N ILE A 19 3.49 -3.95 -2.57
CA ILE A 19 3.42 -3.82 -1.12
C ILE A 19 2.76 -2.49 -0.72
N ARG A 20 2.93 -1.46 -1.54
CA ARG A 20 2.35 -0.16 -1.24
C ARG A 20 0.84 -0.17 -1.49
N ALA A 21 0.41 -1.02 -2.40
CA ALA A 21 -1.01 -1.12 -2.74
C ALA A 21 -1.73 -1.95 -1.69
N LYS A 22 -1.13 -3.08 -1.34
CA LYS A 22 -1.70 -3.98 -0.35
C LYS A 22 -1.80 -3.31 1.01
N LEU A 23 -0.76 -2.56 1.39
CA LEU A 23 -0.74 -1.89 2.67
C LEU A 23 -1.71 -0.71 2.70
N LYS A 24 -2.10 -0.23 1.51
CA LYS A 24 -3.02 0.89 1.41
C LYS A 24 -4.46 0.40 1.53
N GLU A 25 -4.75 -0.73 0.91
CA GLU A 25 -6.09 -1.30 0.94
C GLU A 25 -6.44 -1.83 2.32
N TYR A 26 -5.44 -2.38 3.02
CA TYR A 26 -5.67 -2.92 4.35
C TYR A 26 -5.54 -1.83 5.40
N GLY A 27 -4.62 -0.89 5.16
CA GLY A 27 -4.41 0.20 6.09
C GLY A 27 -5.37 1.35 5.86
N ARG A 28 -6.65 1.03 5.75
CA ARG A 28 -7.68 2.02 5.54
C ARG A 28 -8.50 2.18 6.82
N THR A 29 -8.26 3.27 7.53
CA THR A 29 -8.96 3.56 8.77
C THR A 29 -10.44 3.85 8.50
N PHE A 30 -11.30 2.95 8.96
CA PHE A 30 -12.73 3.07 8.76
C PHE A 30 -13.40 3.75 9.96
N GLN A 31 -13.16 5.04 10.10
CA GLN A 31 -13.73 5.81 11.21
C GLN A 31 -14.97 6.57 10.76
N TYR A 32 -15.27 6.51 9.47
CA TYR A 32 -16.42 7.20 8.91
C TYR A 32 -17.72 6.81 9.60
N VAL A 33 -17.88 5.52 9.87
CA VAL A 33 -19.08 5.01 10.53
C VAL A 33 -19.16 5.50 11.97
N LYS A 34 -18.04 5.50 12.67
CA LYS A 34 -17.98 5.92 14.05
C LYS A 34 -18.31 7.41 14.19
N ASP A 35 -17.83 8.20 13.23
CA ASP A 35 -18.05 9.64 13.23
C ASP A 35 -19.45 9.98 12.71
N TRP A 36 -20.13 8.98 12.17
CA TRP A 36 -21.47 9.17 11.60
C TRP A 36 -22.55 8.96 12.66
N ILE A 37 -22.34 8.01 13.56
CA ILE A 37 -23.30 7.73 14.60
C ILE A 37 -23.20 8.75 15.75
N SER A 38 -24.15 9.67 15.80
CA SER A 38 -24.18 10.69 16.83
C SER A 38 -25.13 10.28 17.96
N LYS A 39 -24.57 9.80 19.05
CA LYS A 39 -25.37 9.39 20.19
C LYS A 39 -24.83 9.98 21.49
N PRO A 40 -25.48 11.05 21.97
CA PRO A 40 -25.09 11.72 23.21
C PRO A 40 -25.10 10.77 24.41
N MET A 1 10.43 -29.24 -0.75
CA MET A 1 9.45 -28.64 0.19
C MET A 1 10.10 -27.53 1.02
N LYS A 2 10.96 -26.76 0.39
CA LYS A 2 11.65 -25.66 1.06
C LYS A 2 10.80 -24.40 1.02
N VAL A 3 10.40 -23.99 -0.18
CA VAL A 3 9.59 -22.79 -0.35
C VAL A 3 8.13 -23.12 -0.14
N HIS A 4 7.42 -22.21 0.53
CA HIS A 4 6.00 -22.41 0.82
C HIS A 4 5.37 -21.10 1.26
N ARG A 5 4.07 -20.96 0.99
CA ARG A 5 3.32 -19.75 1.36
C ARG A 5 3.82 -18.55 0.57
N MET A 6 3.45 -18.50 -0.70
CA MET A 6 3.86 -17.42 -1.60
C MET A 6 5.37 -17.39 -1.77
N PRO A 7 5.91 -18.22 -2.68
CA PRO A 7 7.35 -18.30 -2.94
C PRO A 7 7.88 -17.02 -3.62
N LYS A 8 9.12 -17.07 -4.07
CA LYS A 8 9.74 -15.94 -4.73
C LYS A 8 10.44 -16.36 -6.02
N GLY A 9 9.69 -16.33 -7.12
CA GLY A 9 10.23 -16.71 -8.40
C GLY A 9 10.22 -15.53 -9.37
N VAL A 10 11.41 -15.01 -9.68
CA VAL A 10 11.55 -13.88 -10.59
C VAL A 10 10.65 -12.72 -10.15
N VAL A 11 10.82 -12.29 -8.91
CA VAL A 11 10.01 -11.21 -8.35
C VAL A 11 10.87 -9.99 -8.03
N LEU A 12 12.10 -9.98 -8.53
CA LEU A 12 13.01 -8.88 -8.28
C LEU A 12 12.81 -7.77 -9.32
N VAL A 13 11.57 -7.33 -9.46
CA VAL A 13 11.23 -6.28 -10.41
C VAL A 13 10.70 -5.05 -9.69
N GLY A 14 9.50 -5.16 -9.14
CA GLY A 14 8.89 -4.05 -8.43
C GLY A 14 7.87 -4.52 -7.42
N LYS A 15 8.34 -5.25 -6.42
CA LYS A 15 7.48 -5.78 -5.37
C LYS A 15 6.95 -4.65 -4.48
N ALA A 16 7.74 -3.58 -4.37
CA ALA A 16 7.36 -2.44 -3.55
C ALA A 16 6.06 -1.82 -4.03
N TRP A 17 5.80 -1.91 -5.34
CA TRP A 17 4.58 -1.38 -5.92
C TRP A 17 3.36 -2.12 -5.37
N GLU A 18 3.49 -3.44 -5.27
CA GLU A 18 2.42 -4.27 -4.76
C GLU A 18 2.27 -4.06 -3.25
N ILE A 19 3.39 -3.92 -2.57
CA ILE A 19 3.41 -3.70 -1.13
C ILE A 19 2.68 -2.39 -0.77
N ARG A 20 2.99 -1.32 -1.50
CA ARG A 20 2.37 -0.02 -1.25
C ARG A 20 0.85 -0.09 -1.47
N ALA A 21 0.44 -0.81 -2.50
CA ALA A 21 -0.97 -0.96 -2.83
C ALA A 21 -1.69 -1.79 -1.77
N LYS A 22 -1.07 -2.89 -1.38
CA LYS A 22 -1.65 -3.78 -0.38
C LYS A 22 -1.74 -3.09 0.98
N LEU A 23 -0.70 -2.34 1.34
CA LEU A 23 -0.66 -1.63 2.61
C LEU A 23 -1.74 -0.55 2.66
N LYS A 24 -2.08 -0.03 1.49
CA LYS A 24 -3.11 1.00 1.39
C LYS A 24 -4.49 0.37 1.54
N GLU A 25 -4.71 -0.74 0.84
CA GLU A 25 -5.99 -1.44 0.91
C GLU A 25 -6.22 -2.04 2.29
N TYR A 26 -5.19 -2.65 2.85
CA TYR A 26 -5.30 -3.29 4.15
C TYR A 26 -5.12 -2.26 5.27
N GLY A 27 -4.83 -1.02 4.90
CA GLY A 27 -4.64 0.02 5.88
C GLY A 27 -5.82 0.96 5.97
N ARG A 28 -6.31 1.39 4.81
CA ARG A 28 -7.44 2.30 4.76
C ARG A 28 -8.76 1.51 4.76
N THR A 29 -9.01 0.82 5.86
CA THR A 29 -10.22 0.02 6.02
C THR A 29 -11.47 0.89 5.86
N PHE A 30 -11.77 1.66 6.89
CA PHE A 30 -12.91 2.55 6.88
C PHE A 30 -12.49 3.95 6.43
N GLN A 31 -11.19 4.13 6.28
CA GLN A 31 -10.64 5.42 5.89
C GLN A 31 -10.95 5.74 4.42
N TYR A 32 -11.13 4.70 3.61
CA TYR A 32 -11.42 4.89 2.19
C TYR A 32 -12.70 5.68 1.98
N VAL A 33 -13.74 5.33 2.73
CA VAL A 33 -15.03 6.02 2.60
C VAL A 33 -14.99 7.39 3.25
N LYS A 34 -13.92 7.66 3.99
CA LYS A 34 -13.75 8.93 4.65
C LYS A 34 -12.98 9.91 3.76
N ASP A 35 -12.08 9.37 2.95
CA ASP A 35 -11.29 10.20 2.04
C ASP A 35 -11.99 10.36 0.70
N TRP A 36 -12.72 9.32 0.30
CA TRP A 36 -13.45 9.34 -0.97
C TRP A 36 -14.81 9.99 -0.80
N ILE A 37 -14.86 11.29 -1.02
CA ILE A 37 -16.10 12.04 -0.92
C ILE A 37 -16.25 12.96 -2.13
N SER A 38 -15.56 12.63 -3.22
CA SER A 38 -15.62 13.40 -4.44
C SER A 38 -16.47 12.70 -5.49
N LYS A 39 -17.66 13.23 -5.72
CA LYS A 39 -18.58 12.67 -6.70
C LYS A 39 -18.75 13.63 -7.86
N PRO A 40 -18.56 13.16 -9.11
CA PRO A 40 -18.68 14.00 -10.30
C PRO A 40 -20.10 14.56 -10.48
N MET A 1 11.98 25.95 3.16
CA MET A 1 11.75 25.13 1.95
C MET A 1 11.43 23.70 2.33
N LYS A 2 10.54 23.07 1.58
CA LYS A 2 10.15 21.70 1.86
C LYS A 2 10.34 20.82 0.62
N VAL A 3 10.15 19.52 0.80
CA VAL A 3 10.30 18.58 -0.31
C VAL A 3 9.18 18.80 -1.33
N HIS A 4 9.57 19.03 -2.58
CA HIS A 4 8.61 19.27 -3.64
C HIS A 4 9.13 18.77 -4.98
N ARG A 5 10.45 18.71 -5.14
CA ARG A 5 11.04 18.24 -6.38
C ARG A 5 10.77 16.75 -6.59
N MET A 6 11.12 15.96 -5.59
CA MET A 6 10.91 14.52 -5.66
C MET A 6 10.66 13.96 -4.26
N PRO A 7 9.39 13.92 -3.84
CA PRO A 7 9.01 13.40 -2.52
C PRO A 7 9.10 11.88 -2.44
N LYS A 8 8.94 11.23 -3.58
CA LYS A 8 9.01 9.77 -3.65
C LYS A 8 9.67 9.35 -4.96
N GLY A 9 9.90 8.05 -5.11
CA GLY A 9 10.51 7.54 -6.31
C GLY A 9 10.02 6.14 -6.64
N VAL A 10 9.47 5.96 -7.83
CA VAL A 10 8.96 4.67 -8.24
C VAL A 10 10.02 3.91 -9.02
N VAL A 11 10.69 2.97 -8.37
CA VAL A 11 11.73 2.19 -9.01
C VAL A 11 11.41 0.70 -8.93
N LEU A 12 11.84 -0.04 -9.95
CA LEU A 12 11.60 -1.48 -10.00
C LEU A 12 12.66 -2.21 -9.17
N VAL A 13 12.52 -2.15 -7.86
CA VAL A 13 13.45 -2.79 -6.95
C VAL A 13 12.78 -3.95 -6.24
N GLY A 14 11.76 -4.50 -6.88
CA GLY A 14 11.03 -5.61 -6.31
C GLY A 14 9.53 -5.37 -6.35
N LYS A 15 8.83 -5.94 -5.39
CA LYS A 15 7.38 -5.81 -5.31
C LYS A 15 6.99 -4.59 -4.47
N ALA A 16 7.80 -3.56 -4.53
CA ALA A 16 7.56 -2.33 -3.78
C ALA A 16 6.18 -1.75 -4.07
N TRP A 17 5.78 -1.77 -5.34
CA TRP A 17 4.49 -1.25 -5.75
C TRP A 17 3.37 -2.09 -5.14
N GLU A 18 3.53 -3.41 -5.21
CA GLU A 18 2.55 -4.35 -4.67
C GLU A 18 2.36 -4.14 -3.18
N ILE A 19 3.47 -3.93 -2.48
CA ILE A 19 3.44 -3.70 -1.04
C ILE A 19 2.65 -2.45 -0.71
N ARG A 20 2.97 -1.36 -1.42
CA ARG A 20 2.28 -0.09 -1.21
C ARG A 20 0.78 -0.23 -1.46
N ALA A 21 0.43 -0.87 -2.56
CA ALA A 21 -0.97 -1.06 -2.91
C ALA A 21 -1.70 -1.90 -1.88
N LYS A 22 -1.08 -2.99 -1.47
CA LYS A 22 -1.70 -3.89 -0.50
C LYS A 22 -1.81 -3.21 0.86
N LEU A 23 -0.79 -2.46 1.24
CA LEU A 23 -0.78 -1.78 2.54
C LEU A 23 -1.86 -0.70 2.60
N LYS A 24 -2.08 -0.02 1.48
CA LYS A 24 -3.09 1.04 1.42
C LYS A 24 -4.50 0.47 1.56
N GLU A 25 -4.76 -0.65 0.90
CA GLU A 25 -6.08 -1.27 0.98
C GLU A 25 -6.26 -2.03 2.29
N TYR A 26 -5.14 -2.47 2.87
CA TYR A 26 -5.17 -3.19 4.14
C TYR A 26 -5.38 -2.20 5.28
N GLY A 27 -4.78 -1.03 5.13
CA GLY A 27 -4.91 0.01 6.13
C GLY A 27 -5.85 1.11 5.70
N ARG A 28 -7.01 0.72 5.20
CA ARG A 28 -8.02 1.67 4.75
C ARG A 28 -8.63 2.41 5.94
N THR A 29 -8.10 3.59 6.23
CA THR A 29 -8.59 4.41 7.31
C THR A 29 -10.00 4.90 7.05
N PHE A 30 -10.19 5.56 5.92
CA PHE A 30 -11.50 6.08 5.55
C PHE A 30 -11.84 5.73 4.11
N GLN A 31 -13.02 5.17 3.91
CA GLN A 31 -13.48 4.79 2.59
C GLN A 31 -14.13 5.96 1.87
N TYR A 32 -14.66 6.90 2.65
CA TYR A 32 -15.33 8.07 2.09
C TYR A 32 -14.36 8.92 1.28
N VAL A 33 -13.17 9.13 1.81
CA VAL A 33 -12.14 9.93 1.14
C VAL A 33 -11.64 9.22 -0.12
N LYS A 34 -11.78 7.91 -0.12
CA LYS A 34 -11.35 7.08 -1.24
C LYS A 34 -12.30 7.21 -2.43
N ASP A 35 -13.59 7.31 -2.14
CA ASP A 35 -14.61 7.42 -3.18
C ASP A 35 -14.89 8.87 -3.54
N TRP A 36 -14.54 9.78 -2.64
CA TRP A 36 -14.76 11.21 -2.87
C TRP A 36 -13.64 11.78 -3.75
N ILE A 37 -13.76 11.54 -5.05
CA ILE A 37 -12.75 12.02 -6.00
C ILE A 37 -13.38 12.90 -7.07
N SER A 38 -14.70 12.81 -7.23
CA SER A 38 -15.39 13.61 -8.24
C SER A 38 -15.97 14.88 -7.64
N LYS A 39 -16.50 14.78 -6.42
CA LYS A 39 -17.11 15.92 -5.73
C LYS A 39 -18.40 16.33 -6.44
N PRO A 40 -19.54 15.83 -5.96
CA PRO A 40 -20.85 16.12 -6.55
C PRO A 40 -21.26 17.56 -6.33
N MET A 1 -3.27 -14.33 26.50
CA MET A 1 -2.78 -15.65 26.01
C MET A 1 -2.36 -15.57 24.54
N LYS A 2 -2.78 -14.51 23.86
CA LYS A 2 -2.44 -14.32 22.45
C LYS A 2 -2.75 -12.89 22.03
N VAL A 3 -1.95 -12.34 21.13
CA VAL A 3 -2.17 -10.99 20.65
C VAL A 3 -3.09 -10.99 19.43
N HIS A 4 -2.80 -11.88 18.47
CA HIS A 4 -3.60 -11.97 17.25
C HIS A 4 -3.30 -13.29 16.54
N ARG A 5 -4.16 -13.66 15.58
CA ARG A 5 -3.95 -14.89 14.82
C ARG A 5 -2.86 -14.68 13.78
N MET A 6 -2.66 -13.42 13.40
CA MET A 6 -1.65 -13.08 12.42
C MET A 6 -0.91 -11.80 12.85
N PRO A 7 -0.09 -11.89 13.91
CA PRO A 7 0.67 -10.76 14.43
C PRO A 7 2.09 -10.69 13.88
N LYS A 8 2.34 -11.46 12.83
CA LYS A 8 3.66 -11.49 12.22
C LYS A 8 3.66 -10.78 10.88
N GLY A 9 4.22 -9.58 10.86
CA GLY A 9 4.28 -8.81 9.63
C GLY A 9 5.50 -9.16 8.82
N VAL A 10 5.44 -10.27 8.10
CA VAL A 10 6.54 -10.71 7.26
C VAL A 10 6.47 -10.04 5.90
N VAL A 11 7.63 -9.85 5.28
CA VAL A 11 7.70 -9.21 3.98
C VAL A 11 8.99 -9.59 3.26
N LEU A 12 8.92 -9.67 1.93
CA LEU A 12 10.08 -10.02 1.12
C LEU A 12 10.67 -8.76 0.51
N VAL A 13 11.82 -8.89 -0.13
CA VAL A 13 12.47 -7.74 -0.75
C VAL A 13 12.16 -7.67 -2.24
N GLY A 14 10.94 -7.25 -2.55
CA GLY A 14 10.51 -7.13 -3.92
C GLY A 14 9.05 -6.79 -4.02
N LYS A 15 8.65 -6.27 -5.19
CA LYS A 15 7.26 -5.89 -5.45
C LYS A 15 6.85 -4.73 -4.54
N ALA A 16 7.68 -3.70 -4.53
CA ALA A 16 7.46 -2.52 -3.70
C ALA A 16 6.13 -1.83 -4.01
N TRP A 17 5.78 -1.75 -5.29
CA TRP A 17 4.52 -1.13 -5.69
C TRP A 17 3.34 -1.96 -5.23
N GLU A 18 3.54 -3.27 -5.19
CA GLU A 18 2.50 -4.19 -4.75
C GLU A 18 2.31 -4.07 -3.25
N ILE A 19 3.42 -3.89 -2.53
CA ILE A 19 3.38 -3.74 -1.08
C ILE A 19 2.66 -2.44 -0.73
N ARG A 20 2.97 -1.38 -1.46
CA ARG A 20 2.36 -0.08 -1.24
C ARG A 20 0.85 -0.16 -1.46
N ALA A 21 0.45 -0.84 -2.54
CA ALA A 21 -0.95 -1.01 -2.87
C ALA A 21 -1.65 -1.85 -1.81
N LYS A 22 -0.97 -2.88 -1.32
CA LYS A 22 -1.53 -3.76 -0.31
C LYS A 22 -1.70 -3.04 1.02
N LEU A 23 -0.70 -2.27 1.40
CA LEU A 23 -0.74 -1.53 2.66
C LEU A 23 -1.85 -0.49 2.62
N LYS A 24 -2.09 0.06 1.44
CA LYS A 24 -3.14 1.05 1.26
C LYS A 24 -4.50 0.36 1.19
N GLU A 25 -4.49 -0.92 0.87
CA GLU A 25 -5.71 -1.70 0.78
C GLU A 25 -6.13 -2.19 2.16
N TYR A 26 -5.18 -2.68 2.94
CA TYR A 26 -5.48 -3.20 4.27
C TYR A 26 -5.47 -2.10 5.33
N GLY A 27 -4.61 -1.10 5.15
CA GLY A 27 -4.52 -0.04 6.13
C GLY A 27 -5.25 1.22 5.71
N ARG A 28 -4.91 1.74 4.53
CA ARG A 28 -5.54 2.95 3.99
C ARG A 28 -5.27 4.15 4.90
N THR A 29 -4.05 4.22 5.41
CA THR A 29 -3.64 5.30 6.30
C THR A 29 -3.39 6.59 5.51
N PHE A 30 -4.31 7.54 5.64
CA PHE A 30 -4.20 8.83 4.97
C PHE A 30 -3.28 9.76 5.75
N GLN A 31 -1.98 9.49 5.68
CA GLN A 31 -1.00 10.31 6.38
C GLN A 31 -0.73 11.61 5.64
N TYR A 32 -0.94 11.59 4.33
CA TYR A 32 -0.72 12.75 3.47
C TYR A 32 -1.54 13.95 3.92
N VAL A 33 -2.80 13.72 4.25
CA VAL A 33 -3.70 14.80 4.67
C VAL A 33 -3.35 15.29 6.08
N LYS A 34 -2.46 14.59 6.75
CA LYS A 34 -2.03 14.97 8.08
C LYS A 34 -0.78 15.81 8.00
N ASP A 35 0.15 15.38 7.17
CA ASP A 35 1.41 16.08 6.98
C ASP A 35 1.23 17.32 6.12
N TRP A 36 0.28 17.24 5.19
CA TRP A 36 -0.02 18.36 4.31
C TRP A 36 -1.42 18.88 4.61
N ILE A 37 -1.51 20.13 5.00
CA ILE A 37 -2.80 20.75 5.29
C ILE A 37 -3.46 21.18 3.98
N SER A 38 -4.02 20.21 3.27
CA SER A 38 -4.68 20.45 2.00
C SER A 38 -3.65 20.86 0.93
N LYS A 39 -4.13 21.19 -0.25
CA LYS A 39 -3.24 21.61 -1.33
C LYS A 39 -3.55 23.04 -1.76
N PRO A 40 -2.84 24.02 -1.17
CA PRO A 40 -3.03 25.43 -1.50
C PRO A 40 -2.48 25.76 -2.89
N MET A 1 -4.40 3.71 -27.89
CA MET A 1 -3.74 4.11 -26.63
C MET A 1 -3.69 2.93 -25.67
N LYS A 2 -2.58 2.77 -24.99
CA LYS A 2 -2.43 1.67 -24.04
C LYS A 2 -2.57 2.16 -22.60
N VAL A 3 -2.13 3.39 -22.36
CA VAL A 3 -2.21 3.96 -21.03
C VAL A 3 -3.64 4.42 -20.74
N HIS A 4 -4.22 3.89 -19.66
CA HIS A 4 -5.58 4.25 -19.30
C HIS A 4 -5.57 5.20 -18.10
N ARG A 5 -4.61 5.01 -17.20
CA ARG A 5 -4.48 5.85 -16.02
C ARG A 5 -3.08 5.75 -15.43
N MET A 6 -2.65 4.52 -15.15
CA MET A 6 -1.33 4.30 -14.58
C MET A 6 -0.38 3.73 -15.64
N PRO A 7 0.56 4.56 -16.12
CA PRO A 7 1.53 4.16 -17.13
C PRO A 7 2.70 3.38 -16.51
N LYS A 8 2.43 2.16 -16.06
CA LYS A 8 3.45 1.32 -15.46
C LYS A 8 4.43 0.86 -16.52
N GLY A 9 5.71 1.17 -16.32
CA GLY A 9 6.72 0.79 -17.27
C GLY A 9 7.66 -0.28 -16.74
N VAL A 10 7.28 -0.88 -15.62
CA VAL A 10 8.09 -1.93 -15.00
C VAL A 10 7.31 -3.24 -14.92
N VAL A 11 8.01 -4.33 -15.17
CA VAL A 11 7.40 -5.65 -15.13
C VAL A 11 8.27 -6.61 -14.31
N LEU A 12 9.49 -6.16 -14.01
CA LEU A 12 10.43 -6.96 -13.24
C LEU A 12 11.08 -6.10 -12.15
N VAL A 13 11.24 -6.68 -10.97
CA VAL A 13 11.84 -6.00 -9.82
C VAL A 13 11.01 -4.78 -9.43
N GLY A 14 9.72 -5.00 -9.26
CA GLY A 14 8.81 -3.93 -8.88
C GLY A 14 7.81 -4.36 -7.84
N LYS A 15 8.28 -5.16 -6.89
CA LYS A 15 7.42 -5.69 -5.83
C LYS A 15 7.10 -4.61 -4.80
N ALA A 16 7.92 -3.56 -4.77
CA ALA A 16 7.72 -2.45 -3.84
C ALA A 16 6.37 -1.79 -4.06
N TRP A 17 5.88 -1.81 -5.29
CA TRP A 17 4.59 -1.22 -5.63
C TRP A 17 3.45 -2.08 -5.09
N GLU A 18 3.63 -3.39 -5.16
CA GLU A 18 2.62 -4.32 -4.68
C GLU A 18 2.43 -4.17 -3.18
N ILE A 19 3.54 -3.93 -2.48
CA ILE A 19 3.51 -3.74 -1.03
C ILE A 19 2.68 -2.51 -0.69
N ARG A 20 2.92 -1.41 -1.41
CA ARG A 20 2.22 -0.15 -1.20
C ARG A 20 0.72 -0.32 -1.42
N ALA A 21 0.35 -1.06 -2.46
CA ALA A 21 -1.04 -1.31 -2.79
C ALA A 21 -1.73 -2.09 -1.68
N LYS A 22 -1.06 -3.12 -1.18
CA LYS A 22 -1.61 -3.95 -0.12
C LYS A 22 -1.79 -3.15 1.17
N LEU A 23 -0.77 -2.36 1.52
CA LEU A 23 -0.81 -1.56 2.74
C LEU A 23 -1.88 -0.48 2.67
N LYS A 24 -2.12 0.07 1.49
CA LYS A 24 -3.12 1.11 1.33
C LYS A 24 -4.52 0.52 1.40
N GLU A 25 -4.70 -0.66 0.82
CA GLU A 25 -5.99 -1.32 0.80
C GLU A 25 -6.34 -1.90 2.17
N TYR A 26 -5.35 -2.48 2.83
CA TYR A 26 -5.57 -3.08 4.14
C TYR A 26 -5.66 -2.01 5.23
N GLY A 27 -4.90 -0.93 5.06
CA GLY A 27 -4.92 0.14 6.04
C GLY A 27 -5.97 1.18 5.75
N ARG A 28 -5.64 2.10 4.85
CA ARG A 28 -6.55 3.18 4.45
C ARG A 28 -6.88 4.11 5.62
N THR A 29 -5.97 4.18 6.57
CA THR A 29 -6.17 5.04 7.75
C THR A 29 -5.65 6.45 7.47
N PHE A 30 -4.90 6.60 6.39
CA PHE A 30 -4.34 7.89 6.02
C PHE A 30 -5.03 8.43 4.78
N GLN A 31 -5.24 9.74 4.74
CA GLN A 31 -5.90 10.38 3.61
C GLN A 31 -4.99 11.43 2.97
N TYR A 32 -3.74 11.48 3.42
CA TYR A 32 -2.77 12.44 2.90
C TYR A 32 -2.61 12.30 1.38
N VAL A 33 -2.42 11.07 0.93
CA VAL A 33 -2.24 10.78 -0.49
C VAL A 33 -3.57 10.86 -1.24
N LYS A 34 -4.65 11.05 -0.51
CA LYS A 34 -5.97 11.13 -1.10
C LYS A 34 -6.33 12.58 -1.40
N ASP A 35 -5.90 13.48 -0.51
CA ASP A 35 -6.17 14.90 -0.67
C ASP A 35 -5.12 15.55 -1.58
N TRP A 36 -3.87 15.10 -1.45
CA TRP A 36 -2.79 15.62 -2.25
C TRP A 36 -2.54 14.69 -3.44
N ILE A 37 -2.91 15.13 -4.62
CA ILE A 37 -2.73 14.31 -5.82
C ILE A 37 -1.82 15.01 -6.83
N SER A 38 -0.66 14.43 -7.04
CA SER A 38 0.32 14.97 -7.97
C SER A 38 1.23 13.84 -8.45
N LYS A 39 1.97 14.09 -9.52
CA LYS A 39 2.87 13.09 -10.07
C LYS A 39 4.32 13.42 -9.70
N PRO A 40 4.87 12.74 -8.69
CA PRO A 40 6.22 12.96 -8.24
C PRO A 40 7.20 11.97 -8.88
N MET A 1 4.87 21.92 -1.95
CA MET A 1 3.57 21.21 -1.97
C MET A 1 3.16 20.90 -3.40
N LYS A 2 3.71 19.83 -3.94
CA LYS A 2 3.39 19.41 -5.31
C LYS A 2 3.07 17.93 -5.33
N VAL A 3 2.68 17.45 -6.51
CA VAL A 3 2.36 16.05 -6.68
C VAL A 3 3.61 15.25 -7.00
N HIS A 4 3.57 13.94 -6.74
CA HIS A 4 4.71 13.08 -7.00
C HIS A 4 4.83 12.77 -8.49
N ARG A 5 5.98 12.23 -8.89
CA ARG A 5 6.23 11.89 -10.30
C ARG A 5 5.15 10.97 -10.84
N MET A 6 4.94 9.84 -10.17
CA MET A 6 3.94 8.89 -10.62
C MET A 6 2.98 8.55 -9.46
N PRO A 7 1.90 9.35 -9.31
CA PRO A 7 0.91 9.12 -8.27
C PRO A 7 0.14 7.83 -8.49
N LYS A 8 -0.03 7.49 -9.76
CA LYS A 8 -0.72 6.26 -10.14
C LYS A 8 0.07 5.57 -11.24
N GLY A 9 0.59 4.39 -10.92
CA GLY A 9 1.35 3.64 -11.90
C GLY A 9 0.46 2.76 -12.74
N VAL A 10 0.83 2.57 -13.99
CA VAL A 10 0.06 1.73 -14.90
C VAL A 10 0.73 0.37 -15.06
N VAL A 11 1.72 0.13 -14.22
CA VAL A 11 2.46 -1.12 -14.23
C VAL A 11 2.92 -1.46 -12.80
N LEU A 12 2.88 -2.74 -12.46
CA LEU A 12 3.28 -3.19 -11.14
C LEU A 12 4.22 -4.38 -11.24
N VAL A 13 5.38 -4.15 -11.83
CA VAL A 13 6.38 -5.21 -12.00
C VAL A 13 7.43 -5.15 -10.89
N GLY A 14 7.01 -4.76 -9.70
CA GLY A 14 7.93 -4.66 -8.58
C GLY A 14 7.23 -4.91 -7.26
N LYS A 15 8.00 -5.35 -6.28
CA LYS A 15 7.46 -5.65 -4.96
C LYS A 15 6.97 -4.40 -4.26
N ALA A 16 7.70 -3.30 -4.42
CA ALA A 16 7.35 -2.03 -3.79
C ALA A 16 5.99 -1.54 -4.27
N TRP A 17 5.69 -1.78 -5.53
CA TRP A 17 4.42 -1.36 -6.10
C TRP A 17 3.26 -2.11 -5.46
N GLU A 18 3.40 -3.43 -5.38
CA GLU A 18 2.35 -4.27 -4.82
C GLU A 18 2.25 -4.12 -3.30
N ILE A 19 3.39 -4.02 -2.63
CA ILE A 19 3.39 -3.90 -1.17
C ILE A 19 2.74 -2.60 -0.72
N ARG A 20 2.97 -1.51 -1.44
CA ARG A 20 2.37 -0.23 -1.08
C ARG A 20 0.88 -0.25 -1.37
N ALA A 21 0.50 -0.87 -2.48
CA ALA A 21 -0.90 -0.97 -2.84
C ALA A 21 -1.65 -1.86 -1.87
N LYS A 22 -1.01 -2.95 -1.48
CA LYS A 22 -1.59 -3.90 -0.54
C LYS A 22 -1.73 -3.26 0.84
N LEU A 23 -0.68 -2.60 1.29
CA LEU A 23 -0.69 -1.94 2.59
C LEU A 23 -1.73 -0.84 2.63
N LYS A 24 -1.88 -0.13 1.52
CA LYS A 24 -2.84 0.96 1.42
C LYS A 24 -4.27 0.41 1.33
N GLU A 25 -4.40 -0.86 0.94
CA GLU A 25 -5.71 -1.47 0.82
C GLU A 25 -6.21 -1.91 2.19
N TYR A 26 -5.31 -2.43 3.01
CA TYR A 26 -5.69 -2.89 4.34
C TYR A 26 -5.61 -1.75 5.36
N GLY A 27 -4.64 -0.87 5.17
CA GLY A 27 -4.48 0.25 6.08
C GLY A 27 -5.05 1.52 5.49
N ARG A 28 -6.31 1.48 5.12
CA ARG A 28 -6.98 2.64 4.51
C ARG A 28 -7.07 3.81 5.49
N THR A 29 -7.37 3.50 6.74
CA THR A 29 -7.47 4.53 7.76
C THR A 29 -6.71 4.16 9.03
N PHE A 30 -5.87 3.12 8.91
CA PHE A 30 -5.09 2.64 10.04
C PHE A 30 -4.15 3.73 10.56
N GLN A 31 -4.50 4.28 11.72
CA GLN A 31 -3.73 5.33 12.38
C GLN A 31 -3.76 6.63 11.59
N TYR A 32 -4.61 6.69 10.58
CA TYR A 32 -4.73 7.88 9.74
C TYR A 32 -5.38 9.01 10.53
N VAL A 33 -6.23 8.65 11.48
CA VAL A 33 -6.90 9.63 12.31
C VAL A 33 -5.89 10.35 13.20
N LYS A 34 -5.03 9.58 13.86
CA LYS A 34 -4.01 10.12 14.74
C LYS A 34 -2.96 10.89 13.95
N ASP A 35 -2.84 10.55 12.67
CA ASP A 35 -1.87 11.19 11.78
C ASP A 35 -2.35 12.61 11.44
N TRP A 36 -3.65 12.84 11.62
CA TRP A 36 -4.24 14.14 11.37
C TRP A 36 -4.30 14.96 12.65
N ILE A 37 -4.79 14.36 13.72
CA ILE A 37 -4.89 15.06 15.00
C ILE A 37 -3.69 14.77 15.89
N SER A 38 -2.50 14.94 15.33
CA SER A 38 -1.28 14.71 16.08
C SER A 38 -1.00 15.85 17.05
N LYS A 39 -1.66 15.82 18.20
CA LYS A 39 -1.49 16.84 19.22
C LYS A 39 -2.01 16.35 20.57
N PRO A 40 -1.23 15.49 21.24
CA PRO A 40 -1.59 14.93 22.53
C PRO A 40 -1.09 15.77 23.69
N MET A 1 16.76 13.37 11.27
CA MET A 1 16.14 13.58 9.94
C MET A 1 17.19 13.97 8.90
N LYS A 2 16.97 13.54 7.66
CA LYS A 2 17.90 13.86 6.59
C LYS A 2 17.13 14.14 5.31
N VAL A 3 16.38 13.15 4.85
CA VAL A 3 15.58 13.27 3.65
C VAL A 3 14.42 12.28 3.67
N HIS A 4 13.22 12.80 3.76
CA HIS A 4 12.03 11.94 3.79
C HIS A 4 10.86 12.62 3.09
N ARG A 5 11.18 13.51 2.16
CA ARG A 5 10.16 14.24 1.42
C ARG A 5 10.16 13.83 -0.05
N MET A 6 10.98 14.49 -0.85
CA MET A 6 11.07 14.17 -2.28
C MET A 6 12.49 13.72 -2.63
N PRO A 7 12.79 12.44 -2.42
CA PRO A 7 14.10 11.88 -2.71
C PRO A 7 14.22 11.38 -4.15
N LYS A 8 15.44 11.36 -4.67
CA LYS A 8 15.68 10.91 -6.03
C LYS A 8 16.13 9.45 -6.02
N GLY A 9 15.26 8.60 -5.52
CA GLY A 9 15.56 7.18 -5.44
C GLY A 9 15.17 6.45 -6.70
N VAL A 10 15.99 6.56 -7.73
CA VAL A 10 15.72 5.92 -9.01
C VAL A 10 16.16 4.45 -8.97
N VAL A 11 15.48 3.68 -8.13
CA VAL A 11 15.79 2.26 -7.97
C VAL A 11 14.58 1.40 -8.33
N LEU A 12 13.65 2.01 -9.05
CA LEU A 12 12.41 1.34 -9.47
C LEU A 12 11.54 0.98 -8.28
N VAL A 13 10.54 0.15 -8.50
CA VAL A 13 9.63 -0.26 -7.44
C VAL A 13 9.54 -1.78 -7.35
N GLY A 14 9.19 -2.42 -8.47
CA GLY A 14 9.07 -3.86 -8.50
C GLY A 14 8.00 -4.37 -7.56
N LYS A 15 8.40 -5.25 -6.65
CA LYS A 15 7.48 -5.83 -5.68
C LYS A 15 7.02 -4.77 -4.67
N ALA A 16 7.86 -3.76 -4.46
CA ALA A 16 7.56 -2.68 -3.51
C ALA A 16 6.29 -1.92 -3.92
N TRP A 17 5.98 -1.96 -5.22
CA TRP A 17 4.81 -1.28 -5.74
C TRP A 17 3.54 -1.97 -5.23
N GLU A 18 3.54 -3.30 -5.29
CA GLU A 18 2.40 -4.07 -4.84
C GLU A 18 2.25 -3.96 -3.33
N ILE A 19 3.38 -3.84 -2.64
CA ILE A 19 3.38 -3.69 -1.19
C ILE A 19 2.69 -2.39 -0.81
N ARG A 20 2.93 -1.35 -1.59
CA ARG A 20 2.32 -0.04 -1.36
C ARG A 20 0.81 -0.14 -1.51
N ALA A 21 0.37 -0.89 -2.52
CA ALA A 21 -1.05 -1.08 -2.78
C ALA A 21 -1.70 -1.87 -1.64
N LYS A 22 -1.03 -2.96 -1.25
CA LYS A 22 -1.54 -3.82 -0.18
C LYS A 22 -1.68 -3.05 1.13
N LEU A 23 -0.70 -2.19 1.41
CA LEU A 23 -0.72 -1.39 2.64
C LEU A 23 -1.88 -0.39 2.64
N LYS A 24 -2.23 0.12 1.47
CA LYS A 24 -3.31 1.07 1.35
C LYS A 24 -4.68 0.37 1.37
N GLU A 25 -4.70 -0.87 0.92
CA GLU A 25 -5.92 -1.63 0.88
C GLU A 25 -6.27 -2.21 2.25
N TYR A 26 -5.25 -2.65 2.97
CA TYR A 26 -5.45 -3.23 4.29
C TYR A 26 -5.44 -2.16 5.38
N GLY A 27 -4.63 -1.14 5.21
CA GLY A 27 -4.54 -0.10 6.22
C GLY A 27 -5.57 0.99 6.01
N ARG A 28 -5.19 1.99 5.21
CA ARG A 28 -6.07 3.13 4.89
C ARG A 28 -6.38 3.95 6.14
N THR A 29 -5.53 3.83 7.16
CA THR A 29 -5.72 4.56 8.40
C THR A 29 -5.36 6.03 8.22
N PHE A 30 -6.37 6.90 8.30
CA PHE A 30 -6.18 8.34 8.15
C PHE A 30 -5.55 8.67 6.80
N GLN A 31 -6.19 8.21 5.74
CA GLN A 31 -5.69 8.44 4.39
C GLN A 31 -6.21 9.76 3.84
N TYR A 32 -7.20 10.32 4.52
CA TYR A 32 -7.79 11.59 4.10
C TYR A 32 -6.74 12.71 4.16
N VAL A 33 -5.91 12.69 5.18
CA VAL A 33 -4.87 13.69 5.35
C VAL A 33 -3.70 13.42 4.42
N LYS A 34 -3.72 12.26 3.77
CA LYS A 34 -2.66 11.88 2.86
C LYS A 34 -2.99 12.39 1.45
N ASP A 35 -4.26 12.62 1.20
CA ASP A 35 -4.70 13.14 -0.10
C ASP A 35 -4.91 14.64 -0.02
N TRP A 36 -5.11 15.16 1.19
CA TRP A 36 -5.32 16.58 1.39
C TRP A 36 -3.98 17.30 1.44
N ILE A 37 -3.68 18.03 0.36
CA ILE A 37 -2.43 18.78 0.25
C ILE A 37 -1.22 17.85 0.46
N SER A 38 -1.08 16.90 -0.44
CA SER A 38 0.03 15.95 -0.36
C SER A 38 1.27 16.52 -1.02
N LYS A 39 1.92 17.44 -0.32
CA LYS A 39 3.12 18.08 -0.81
C LYS A 39 4.29 17.81 0.11
N PRO A 40 5.18 16.88 -0.27
CA PRO A 40 6.36 16.53 0.51
C PRO A 40 7.46 17.58 0.35
N MET A 1 10.29 -19.39 19.57
CA MET A 1 11.07 -19.11 18.35
C MET A 1 11.25 -17.61 18.18
N LYS A 2 12.18 -17.21 17.32
CA LYS A 2 12.43 -15.81 17.07
C LYS A 2 11.26 -15.19 16.33
N VAL A 3 10.91 -15.78 15.20
CA VAL A 3 9.79 -15.28 14.41
C VAL A 3 8.47 -15.77 14.99
N HIS A 4 7.52 -14.86 15.11
CA HIS A 4 6.22 -15.20 15.66
C HIS A 4 5.22 -15.45 14.54
N ARG A 5 5.63 -16.31 13.62
CA ARG A 5 4.83 -16.71 12.47
C ARG A 5 4.48 -15.52 11.58
N MET A 6 5.32 -14.48 11.59
CA MET A 6 5.09 -13.30 10.78
C MET A 6 6.37 -12.46 10.69
N PRO A 7 7.16 -12.67 9.63
CA PRO A 7 8.41 -11.94 9.42
C PRO A 7 8.19 -10.61 8.70
N LYS A 8 8.27 -9.52 9.45
CA LYS A 8 8.08 -8.20 8.90
C LYS A 8 9.43 -7.58 8.53
N GLY A 9 9.45 -6.76 7.48
CA GLY A 9 10.67 -6.12 7.05
C GLY A 9 10.96 -6.39 5.60
N VAL A 10 10.11 -5.87 4.73
CA VAL A 10 10.26 -6.06 3.29
C VAL A 10 11.09 -4.94 2.68
N VAL A 11 12.35 -5.25 2.37
CA VAL A 11 13.26 -4.29 1.76
C VAL A 11 13.67 -4.77 0.38
N LEU A 12 12.92 -5.73 -0.13
CA LEU A 12 13.18 -6.32 -1.44
C LEU A 12 12.65 -5.42 -2.56
N VAL A 13 13.53 -5.00 -3.45
CA VAL A 13 13.15 -4.15 -4.56
C VAL A 13 12.49 -4.97 -5.66
N GLY A 14 11.40 -4.45 -6.20
CA GLY A 14 10.69 -5.13 -7.26
C GLY A 14 9.20 -5.18 -7.00
N LYS A 15 8.81 -5.64 -5.82
CA LYS A 15 7.40 -5.71 -5.47
C LYS A 15 7.03 -4.59 -4.51
N ALA A 16 7.78 -3.49 -4.60
CA ALA A 16 7.55 -2.32 -3.75
C ALA A 16 6.18 -1.70 -4.05
N TRP A 17 5.81 -1.71 -5.32
CA TRP A 17 4.54 -1.15 -5.76
C TRP A 17 3.39 -2.06 -5.32
N GLU A 18 3.71 -3.33 -5.13
CA GLU A 18 2.72 -4.32 -4.71
C GLU A 18 2.41 -4.14 -3.23
N ILE A 19 3.45 -4.04 -2.42
CA ILE A 19 3.29 -3.88 -0.98
C ILE A 19 2.64 -2.52 -0.65
N ARG A 20 2.92 -1.51 -1.48
CA ARG A 20 2.34 -0.19 -1.28
C ARG A 20 0.84 -0.22 -1.52
N ALA A 21 0.44 -0.92 -2.56
CA ALA A 21 -0.97 -1.05 -2.90
C ALA A 21 -1.69 -1.91 -1.88
N LYS A 22 -1.06 -3.00 -1.49
CA LYS A 22 -1.62 -3.92 -0.50
C LYS A 22 -1.77 -3.24 0.87
N LEU A 23 -0.76 -2.47 1.25
CA LEU A 23 -0.78 -1.78 2.54
C LEU A 23 -1.85 -0.70 2.57
N LYS A 24 -2.10 -0.07 1.42
CA LYS A 24 -3.09 0.98 1.32
C LYS A 24 -4.50 0.43 1.48
N GLU A 25 -4.73 -0.75 0.91
CA GLU A 25 -6.05 -1.39 0.99
C GLU A 25 -6.31 -1.94 2.38
N TYR A 26 -5.27 -2.41 3.04
CA TYR A 26 -5.41 -2.96 4.38
C TYR A 26 -5.41 -1.85 5.42
N GLY A 27 -4.55 -0.87 5.25
CA GLY A 27 -4.45 0.23 6.17
C GLY A 27 -5.13 1.47 5.63
N ARG A 28 -6.42 1.33 5.32
CA ARG A 28 -7.20 2.44 4.78
C ARG A 28 -7.44 3.50 5.86
N THR A 29 -6.55 4.48 5.92
CA THR A 29 -6.68 5.56 6.89
C THR A 29 -7.35 6.78 6.28
N PHE A 30 -7.84 6.63 5.05
CA PHE A 30 -8.52 7.71 4.33
C PHE A 30 -7.54 8.84 3.97
N GLN A 31 -8.08 9.92 3.43
CA GLN A 31 -7.26 11.06 3.02
C GLN A 31 -7.64 12.30 3.84
N TYR A 32 -8.16 12.07 5.04
CA TYR A 32 -8.59 13.15 5.92
C TYR A 32 -7.43 14.10 6.25
N VAL A 33 -6.29 13.55 6.62
CA VAL A 33 -5.12 14.36 6.97
C VAL A 33 -4.58 15.10 5.74
N LYS A 34 -4.80 14.51 4.58
CA LYS A 34 -4.32 15.09 3.32
C LYS A 34 -5.18 16.29 2.94
N ASP A 35 -6.49 16.17 3.15
CA ASP A 35 -7.41 17.25 2.82
C ASP A 35 -7.36 18.32 3.90
N TRP A 36 -7.32 17.88 5.16
CA TRP A 36 -7.27 18.78 6.30
C TRP A 36 -5.83 18.92 6.77
N ILE A 37 -4.96 19.33 5.87
CA ILE A 37 -3.55 19.50 6.18
C ILE A 37 -3.34 20.64 7.18
N SER A 38 -2.66 20.33 8.27
CA SER A 38 -2.39 21.32 9.30
C SER A 38 -0.91 21.68 9.34
N LYS A 39 -0.59 22.73 10.09
CA LYS A 39 0.79 23.23 10.23
C LYS A 39 1.37 23.62 8.87
N PRO A 40 0.80 24.66 8.23
CA PRO A 40 1.26 25.15 6.94
C PRO A 40 2.33 26.22 7.08
N MET A 1 -3.78 -1.39 21.45
CA MET A 1 -2.78 -2.12 22.27
C MET A 1 -2.40 -3.45 21.61
N LYS A 2 -2.80 -3.63 20.36
CA LYS A 2 -2.48 -4.86 19.63
C LYS A 2 -1.63 -4.56 18.40
N VAL A 3 -0.57 -5.31 18.23
CA VAL A 3 0.31 -5.13 17.08
C VAL A 3 0.39 -6.42 16.28
N HIS A 4 0.96 -6.34 15.08
CA HIS A 4 1.09 -7.50 14.21
C HIS A 4 2.33 -8.32 14.56
N ARG A 5 2.40 -8.78 15.81
CA ARG A 5 3.52 -9.59 16.31
C ARG A 5 4.86 -8.93 15.97
N MET A 6 5.11 -7.78 16.57
CA MET A 6 6.34 -7.01 16.33
C MET A 6 6.45 -6.57 14.88
N PRO A 7 5.79 -5.44 14.55
CA PRO A 7 5.77 -4.92 13.18
C PRO A 7 7.11 -4.27 12.79
N LYS A 8 7.56 -4.57 11.57
CA LYS A 8 8.81 -4.02 11.07
C LYS A 8 8.63 -3.47 9.67
N GLY A 9 9.68 -2.87 9.13
CA GLY A 9 9.62 -2.32 7.80
C GLY A 9 10.06 -3.34 6.77
N VAL A 10 9.42 -3.33 5.61
CA VAL A 10 9.77 -4.27 4.55
C VAL A 10 11.11 -3.91 3.93
N VAL A 11 12.00 -4.89 3.85
CA VAL A 11 13.32 -4.68 3.28
C VAL A 11 13.48 -5.45 1.97
N LEU A 12 12.35 -5.88 1.43
CA LEU A 12 12.33 -6.62 0.18
C LEU A 12 12.75 -5.74 -0.99
N VAL A 13 13.68 -6.22 -1.78
CA VAL A 13 14.16 -5.48 -2.94
C VAL A 13 13.31 -5.83 -4.17
N GLY A 14 12.36 -4.97 -4.47
CA GLY A 14 11.49 -5.19 -5.60
C GLY A 14 10.05 -5.39 -5.15
N LYS A 15 9.11 -5.23 -6.08
CA LYS A 15 7.69 -5.38 -5.79
C LYS A 15 7.24 -4.37 -4.74
N ALA A 16 7.95 -3.24 -4.68
CA ALA A 16 7.64 -2.19 -3.72
C ALA A 16 6.29 -1.54 -4.02
N TRP A 17 5.82 -1.70 -5.24
CA TRP A 17 4.55 -1.14 -5.65
C TRP A 17 3.41 -2.06 -5.22
N GLU A 18 3.67 -3.36 -5.24
CA GLU A 18 2.66 -4.34 -4.85
C GLU A 18 2.41 -4.27 -3.35
N ILE A 19 3.48 -4.19 -2.57
CA ILE A 19 3.37 -4.12 -1.12
C ILE A 19 2.67 -2.83 -0.69
N ARG A 20 2.90 -1.74 -1.42
CA ARG A 20 2.28 -0.47 -1.08
C ARG A 20 0.79 -0.50 -1.38
N ALA A 21 0.40 -1.25 -2.41
CA ALA A 21 -1.00 -1.36 -2.78
C ALA A 21 -1.76 -2.17 -1.74
N LYS A 22 -1.13 -3.25 -1.28
CA LYS A 22 -1.72 -4.12 -0.27
C LYS A 22 -1.79 -3.41 1.07
N LEU A 23 -0.84 -2.51 1.30
CA LEU A 23 -0.78 -1.74 2.54
C LEU A 23 -1.72 -0.55 2.47
N LYS A 24 -2.11 -0.16 1.26
CA LYS A 24 -2.99 0.99 1.09
C LYS A 24 -4.45 0.58 1.24
N GLU A 25 -4.77 -0.67 0.90
CA GLU A 25 -6.13 -1.16 1.03
C GLU A 25 -6.44 -1.55 2.47
N TYR A 26 -5.47 -2.20 3.11
CA TYR A 26 -5.63 -2.62 4.50
C TYR A 26 -5.29 -1.48 5.46
N GLY A 27 -4.30 -0.69 5.10
CA GLY A 27 -3.90 0.42 5.95
C GLY A 27 -4.12 1.75 5.28
N ARG A 28 -5.37 2.01 4.93
CA ARG A 28 -5.74 3.27 4.28
C ARG A 28 -5.37 4.47 5.15
N THR A 29 -4.34 5.19 4.74
CA THR A 29 -3.89 6.36 5.46
C THR A 29 -4.49 7.63 4.87
N PHE A 30 -5.50 7.44 4.03
CA PHE A 30 -6.19 8.53 3.39
C PHE A 30 -7.66 8.50 3.76
N GLN A 31 -8.29 9.68 3.77
CA GLN A 31 -9.71 9.81 4.10
C GLN A 31 -9.98 9.42 5.56
N TYR A 32 -8.97 9.53 6.41
CA TYR A 32 -9.12 9.16 7.82
C TYR A 32 -10.12 10.08 8.51
N VAL A 33 -10.15 11.34 8.09
CA VAL A 33 -11.06 12.31 8.69
C VAL A 33 -12.49 12.11 8.18
N LYS A 34 -12.62 11.34 7.10
CA LYS A 34 -13.93 11.06 6.52
C LYS A 34 -14.44 9.71 7.01
N ASP A 35 -13.51 8.82 7.32
CA ASP A 35 -13.85 7.49 7.80
C ASP A 35 -14.18 7.53 9.29
N TRP A 36 -13.50 8.42 10.01
CA TRP A 36 -13.74 8.58 11.44
C TRP A 36 -14.43 9.91 11.74
N ILE A 37 -15.58 9.84 12.39
CA ILE A 37 -16.33 11.03 12.75
C ILE A 37 -15.72 11.71 13.97
N SER A 38 -15.43 12.99 13.84
CA SER A 38 -14.85 13.76 14.93
C SER A 38 -15.95 14.26 15.86
N LYS A 39 -15.70 14.15 17.17
CA LYS A 39 -16.65 14.57 18.19
C LYS A 39 -17.94 13.73 18.10
N PRO A 40 -17.88 12.49 18.59
CA PRO A 40 -19.02 11.57 18.58
C PRO A 40 -19.94 11.78 19.78
N MET A 1 17.96 -30.83 -18.91
CA MET A 1 17.88 -29.70 -19.86
C MET A 1 16.45 -29.18 -19.97
N LYS A 2 15.73 -29.14 -18.84
CA LYS A 2 14.37 -28.65 -18.83
C LYS A 2 14.14 -27.68 -17.68
N VAL A 3 13.01 -26.99 -17.71
CA VAL A 3 12.66 -26.03 -16.68
C VAL A 3 11.14 -25.92 -16.60
N HIS A 4 10.63 -25.52 -15.44
CA HIS A 4 9.19 -25.37 -15.25
C HIS A 4 8.80 -23.90 -15.41
N ARG A 5 7.51 -23.61 -15.22
CA ARG A 5 7.03 -22.24 -15.35
C ARG A 5 7.52 -21.39 -14.20
N MET A 6 7.44 -21.93 -13.00
CA MET A 6 7.88 -21.22 -11.80
C MET A 6 9.03 -21.98 -11.15
N PRO A 7 10.28 -21.65 -11.49
CA PRO A 7 11.46 -22.29 -10.94
C PRO A 7 11.84 -21.71 -9.58
N LYS A 8 11.20 -22.25 -8.53
CA LYS A 8 11.43 -21.82 -7.15
C LYS A 8 10.84 -20.44 -6.88
N GLY A 9 10.98 -19.98 -5.65
CA GLY A 9 10.47 -18.67 -5.28
C GLY A 9 11.58 -17.75 -4.83
N VAL A 10 11.54 -16.52 -5.32
CA VAL A 10 12.56 -15.54 -4.97
C VAL A 10 12.20 -14.79 -3.69
N VAL A 11 13.21 -14.36 -2.95
CA VAL A 11 12.99 -13.63 -1.70
C VAL A 11 13.59 -12.23 -1.79
N LEU A 12 13.48 -11.62 -2.97
CA LEU A 12 14.01 -10.28 -3.19
C LEU A 12 13.19 -9.23 -2.44
N VAL A 13 13.78 -8.07 -2.24
CA VAL A 13 13.12 -6.98 -1.53
C VAL A 13 12.36 -6.08 -2.51
N GLY A 14 11.83 -6.69 -3.56
CA GLY A 14 11.10 -5.94 -4.57
C GLY A 14 9.61 -5.92 -4.28
N LYS A 15 8.82 -5.73 -5.34
CA LYS A 15 7.37 -5.69 -5.23
C LYS A 15 6.94 -4.51 -4.36
N ALA A 16 7.67 -3.41 -4.49
CA ALA A 16 7.40 -2.20 -3.72
C ALA A 16 6.01 -1.65 -4.02
N TRP A 17 5.66 -1.59 -5.29
CA TRP A 17 4.36 -1.08 -5.69
C TRP A 17 3.26 -2.01 -5.21
N GLU A 18 3.52 -3.31 -5.32
CA GLU A 18 2.57 -4.34 -4.91
C GLU A 18 2.31 -4.27 -3.40
N ILE A 19 3.38 -4.13 -2.62
CA ILE A 19 3.23 -4.06 -1.17
C ILE A 19 2.63 -2.71 -0.77
N ARG A 20 2.93 -1.67 -1.54
CA ARG A 20 2.39 -0.34 -1.27
C ARG A 20 0.89 -0.34 -1.46
N ALA A 21 0.44 -0.99 -2.54
CA ALA A 21 -0.98 -1.09 -2.84
C ALA A 21 -1.70 -1.94 -1.80
N LYS A 22 -0.99 -2.94 -1.29
CA LYS A 22 -1.54 -3.83 -0.28
C LYS A 22 -1.71 -3.10 1.05
N LEU A 23 -0.68 -2.36 1.44
CA LEU A 23 -0.71 -1.60 2.70
C LEU A 23 -1.75 -0.49 2.64
N LYS A 24 -1.98 0.04 1.46
CA LYS A 24 -2.96 1.10 1.27
C LYS A 24 -4.37 0.52 1.15
N GLU A 25 -4.43 -0.79 0.92
CA GLU A 25 -5.70 -1.48 0.80
C GLU A 25 -6.16 -1.99 2.17
N TYR A 26 -5.21 -2.54 2.92
CA TYR A 26 -5.50 -3.09 4.23
C TYR A 26 -5.42 -2.01 5.31
N GLY A 27 -4.54 -1.03 5.11
CA GLY A 27 -4.38 0.03 6.09
C GLY A 27 -4.89 1.36 5.58
N ARG A 28 -6.20 1.46 5.42
CA ARG A 28 -6.81 2.69 4.94
C ARG A 28 -7.52 3.42 6.08
N THR A 29 -6.86 3.45 7.23
CA THR A 29 -7.41 4.10 8.41
C THR A 29 -7.41 5.63 8.24
N PHE A 30 -6.29 6.14 7.71
CA PHE A 30 -6.12 7.57 7.47
C PHE A 30 -6.04 8.37 8.77
N GLN A 31 -5.80 7.66 9.87
CA GLN A 31 -5.71 8.29 11.19
C GLN A 31 -4.54 9.28 11.27
N TYR A 32 -3.35 8.82 10.92
CA TYR A 32 -2.16 9.67 10.99
C TYR A 32 -2.24 10.85 10.01
N VAL A 33 -3.05 10.71 8.97
CA VAL A 33 -3.21 11.77 7.98
C VAL A 33 -4.11 12.87 8.52
N LYS A 34 -5.21 12.47 9.15
CA LYS A 34 -6.16 13.40 9.72
C LYS A 34 -5.60 14.06 10.97
N ASP A 35 -4.75 13.33 11.66
CA ASP A 35 -4.12 13.82 12.89
C ASP A 35 -2.96 14.76 12.58
N TRP A 36 -2.56 14.80 11.31
CA TRP A 36 -1.46 15.64 10.88
C TRP A 36 -1.96 17.01 10.46
N ILE A 37 -1.21 18.05 10.82
CA ILE A 37 -1.57 19.42 10.45
C ILE A 37 -1.20 19.69 8.98
N SER A 38 -0.36 18.82 8.44
CA SER A 38 0.09 18.95 7.06
C SER A 38 -0.91 18.32 6.11
N LYS A 39 -1.43 17.14 6.49
CA LYS A 39 -2.41 16.40 5.68
C LYS A 39 -1.90 16.19 4.25
N PRO A 40 -0.95 15.24 4.07
CA PRO A 40 -0.36 14.93 2.77
C PRO A 40 -1.35 14.27 1.82
N MET A 1 -5.37 -17.38 23.30
CA MET A 1 -5.08 -17.66 21.88
C MET A 1 -4.26 -16.54 21.27
N LYS A 2 -3.00 -16.83 20.98
CA LYS A 2 -2.10 -15.84 20.38
C LYS A 2 -0.93 -16.57 19.72
N VAL A 3 0.11 -15.81 19.35
CA VAL A 3 1.29 -16.39 18.72
C VAL A 3 1.97 -17.38 19.67
N HIS A 4 2.28 -18.57 19.16
CA HIS A 4 2.92 -19.60 19.97
C HIS A 4 4.33 -19.19 20.38
N ARG A 5 5.25 -19.17 19.42
CA ARG A 5 6.62 -18.81 19.69
C ARG A 5 7.37 -18.53 18.40
N MET A 6 8.30 -17.58 18.46
CA MET A 6 9.12 -17.19 17.31
C MET A 6 8.26 -16.79 16.12
N PRO A 7 7.66 -15.60 16.14
CA PRO A 7 6.82 -15.12 15.04
C PRO A 7 7.63 -14.88 13.77
N LYS A 8 7.43 -15.73 12.79
CA LYS A 8 8.15 -15.62 11.52
C LYS A 8 7.70 -14.37 10.77
N GLY A 9 8.65 -13.70 10.13
CA GLY A 9 8.34 -12.50 9.40
C GLY A 9 8.21 -12.75 7.92
N VAL A 10 7.73 -11.74 7.18
CA VAL A 10 7.55 -11.85 5.74
C VAL A 10 8.17 -10.65 5.02
N VAL A 11 9.06 -10.94 4.08
CA VAL A 11 9.72 -9.91 3.31
C VAL A 11 10.14 -10.45 1.95
N LEU A 12 9.89 -9.69 0.90
CA LEU A 12 10.22 -10.11 -0.45
C LEU A 12 11.17 -9.11 -1.10
N VAL A 13 11.89 -9.57 -2.12
CA VAL A 13 12.83 -8.73 -2.84
C VAL A 13 12.09 -7.94 -3.92
N GLY A 14 11.89 -6.65 -3.67
CA GLY A 14 11.19 -5.82 -4.62
C GLY A 14 9.70 -5.80 -4.36
N LYS A 15 8.92 -5.64 -5.43
CA LYS A 15 7.46 -5.61 -5.33
C LYS A 15 7.01 -4.44 -4.45
N ALA A 16 7.75 -3.33 -4.53
CA ALA A 16 7.46 -2.15 -3.74
C ALA A 16 6.08 -1.59 -4.07
N TRP A 17 5.70 -1.66 -5.33
CA TRP A 17 4.40 -1.16 -5.75
C TRP A 17 3.29 -2.03 -5.20
N GLU A 18 3.45 -3.34 -5.33
CA GLU A 18 2.46 -4.29 -4.84
C GLU A 18 2.30 -4.23 -3.33
N ILE A 19 3.41 -4.18 -2.60
CA ILE A 19 3.34 -4.14 -1.15
C ILE A 19 2.71 -2.83 -0.67
N ARG A 20 2.97 -1.73 -1.39
CA ARG A 20 2.43 -0.44 -1.03
C ARG A 20 0.94 -0.39 -1.35
N ALA A 21 0.56 -1.05 -2.44
CA ALA A 21 -0.85 -1.10 -2.84
C ALA A 21 -1.64 -1.89 -1.81
N LYS A 22 -1.06 -3.00 -1.37
CA LYS A 22 -1.69 -3.85 -0.36
C LYS A 22 -1.82 -3.11 0.96
N LEU A 23 -0.76 -2.39 1.32
CA LEU A 23 -0.76 -1.61 2.56
C LEU A 23 -1.84 -0.54 2.52
N LYS A 24 -2.06 0.04 1.35
CA LYS A 24 -3.07 1.07 1.18
C LYS A 24 -4.48 0.47 1.29
N GLU A 25 -4.63 -0.76 0.82
CA GLU A 25 -5.93 -1.43 0.89
C GLU A 25 -6.22 -1.92 2.30
N TYR A 26 -5.19 -2.44 2.96
CA TYR A 26 -5.33 -2.96 4.32
C TYR A 26 -5.35 -1.84 5.35
N GLY A 27 -4.55 -0.81 5.12
CA GLY A 27 -4.48 0.29 6.06
C GLY A 27 -4.25 1.61 5.37
N ARG A 28 -5.32 2.20 4.85
CA ARG A 28 -5.25 3.48 4.15
C ARG A 28 -4.93 4.63 5.10
N THR A 29 -4.79 4.30 6.38
CA THR A 29 -4.46 5.29 7.39
C THR A 29 -3.01 5.74 7.25
N PHE A 30 -2.20 4.87 6.64
CA PHE A 30 -0.78 5.13 6.42
C PHE A 30 -0.06 5.41 7.74
N GLN A 31 -0.37 4.60 8.76
CA GLN A 31 0.23 4.75 10.08
C GLN A 31 1.76 4.78 10.00
N TYR A 32 2.33 3.93 9.16
CA TYR A 32 3.77 3.86 9.00
C TYR A 32 4.32 5.16 8.41
N VAL A 33 3.62 5.69 7.41
CA VAL A 33 4.06 6.93 6.75
C VAL A 33 3.78 8.15 7.63
N LYS A 34 2.94 7.96 8.64
CA LYS A 34 2.61 9.03 9.57
C LYS A 34 3.71 9.16 10.61
N ASP A 35 4.20 8.02 11.08
CA ASP A 35 5.26 7.99 12.08
C ASP A 35 6.61 8.16 11.43
N TRP A 36 6.77 7.56 10.27
CA TRP A 36 8.01 7.64 9.52
C TRP A 36 7.78 8.43 8.24
N ILE A 37 8.31 9.65 8.20
CA ILE A 37 8.17 10.50 7.04
C ILE A 37 9.33 10.31 6.08
N SER A 38 9.07 10.45 4.79
CA SER A 38 10.10 10.29 3.78
C SER A 38 10.95 11.57 3.64
N LYS A 39 11.58 11.97 4.74
CA LYS A 39 12.40 13.16 4.75
C LYS A 39 13.85 12.79 5.06
N PRO A 40 14.69 12.71 4.01
CA PRO A 40 16.11 12.38 4.17
C PRO A 40 16.87 13.45 4.92
N MET A 1 0.48 -28.78 -16.72
CA MET A 1 1.44 -27.67 -16.57
C MET A 1 2.49 -27.74 -17.68
N LYS A 2 2.53 -26.70 -18.50
CA LYS A 2 3.47 -26.64 -19.62
C LYS A 2 4.91 -26.43 -19.13
N VAL A 3 5.09 -25.46 -18.24
CA VAL A 3 6.43 -25.17 -17.71
C VAL A 3 6.95 -26.34 -16.87
N HIS A 4 6.03 -27.01 -16.17
CA HIS A 4 6.34 -28.16 -15.32
C HIS A 4 7.32 -27.80 -14.21
N ARG A 5 7.47 -26.51 -13.95
CA ARG A 5 8.35 -26.00 -12.92
C ARG A 5 7.72 -24.78 -12.29
N MET A 6 8.50 -24.03 -11.51
CA MET A 6 7.99 -22.83 -10.86
C MET A 6 8.54 -21.58 -11.53
N PRO A 7 7.78 -20.98 -12.46
CA PRO A 7 8.20 -19.79 -13.18
C PRO A 7 7.97 -18.53 -12.35
N LYS A 8 8.74 -17.49 -12.64
CA LYS A 8 8.62 -16.24 -11.89
C LYS A 8 8.89 -15.04 -12.78
N GLY A 9 8.55 -13.86 -12.28
CA GLY A 9 8.77 -12.63 -13.02
C GLY A 9 10.23 -12.22 -13.02
N VAL A 10 10.99 -12.79 -13.94
CA VAL A 10 12.42 -12.50 -14.06
C VAL A 10 12.67 -11.06 -14.53
N VAL A 11 11.58 -10.37 -14.88
CA VAL A 11 11.67 -8.99 -15.34
C VAL A 11 11.85 -8.03 -14.17
N LEU A 12 11.35 -8.44 -12.99
CA LEU A 12 11.43 -7.64 -11.77
C LEU A 12 10.71 -6.31 -11.96
N VAL A 13 9.39 -6.31 -11.77
CA VAL A 13 8.59 -5.11 -11.94
C VAL A 13 8.63 -4.24 -10.68
N GLY A 14 9.15 -4.80 -9.60
CA GLY A 14 9.23 -4.06 -8.36
C GLY A 14 8.11 -4.43 -7.40
N LYS A 15 8.42 -5.31 -6.45
CA LYS A 15 7.42 -5.75 -5.48
C LYS A 15 7.01 -4.62 -4.54
N ALA A 16 7.79 -3.54 -4.52
CA ALA A 16 7.50 -2.39 -3.67
C ALA A 16 6.14 -1.80 -3.99
N TRP A 17 5.80 -1.74 -5.27
CA TRP A 17 4.51 -1.20 -5.71
C TRP A 17 3.38 -2.06 -5.16
N GLU A 18 3.56 -3.37 -5.25
CA GLU A 18 2.56 -4.31 -4.77
C GLU A 18 2.35 -4.13 -3.26
N ILE A 19 3.45 -3.96 -2.54
CA ILE A 19 3.39 -3.77 -1.10
C ILE A 19 2.61 -2.51 -0.74
N ARG A 20 2.91 -1.43 -1.44
CA ARG A 20 2.24 -0.15 -1.20
C ARG A 20 0.74 -0.25 -1.48
N ALA A 21 0.40 -0.94 -2.56
CA ALA A 21 -1.00 -1.12 -2.95
C ALA A 21 -1.74 -1.98 -1.93
N LYS A 22 -1.06 -2.97 -1.40
CA LYS A 22 -1.64 -3.86 -0.40
C LYS A 22 -1.79 -3.15 0.94
N LEU A 23 -0.77 -2.41 1.31
CA LEU A 23 -0.77 -1.68 2.58
C LEU A 23 -1.86 -0.62 2.58
N LYS A 24 -2.03 0.08 1.47
CA LYS A 24 -3.05 1.12 1.36
C LYS A 24 -4.46 0.51 1.35
N GLU A 25 -4.53 -0.75 0.95
CA GLU A 25 -5.79 -1.46 0.90
C GLU A 25 -6.18 -1.96 2.29
N TYR A 26 -5.22 -2.56 2.98
CA TYR A 26 -5.45 -3.10 4.31
C TYR A 26 -5.53 -2.00 5.35
N GLY A 27 -4.73 -0.95 5.20
CA GLY A 27 -4.73 0.12 6.16
C GLY A 27 -5.01 1.47 5.53
N ARG A 28 -6.25 1.69 5.13
CA ARG A 28 -6.64 2.95 4.51
C ARG A 28 -6.44 4.11 5.49
N THR A 29 -5.80 5.16 5.01
CA THR A 29 -5.53 6.32 5.85
C THR A 29 -6.76 7.22 6.00
N PHE A 30 -7.78 6.73 6.69
CA PHE A 30 -8.99 7.51 6.90
C PHE A 30 -9.53 7.31 8.32
N GLN A 31 -8.70 6.77 9.19
CA GLN A 31 -9.09 6.53 10.58
C GLN A 31 -8.77 7.75 11.45
N TYR A 32 -8.47 8.87 10.81
CA TYR A 32 -8.13 10.10 11.51
C TYR A 32 -9.28 10.59 12.38
N VAL A 33 -10.47 10.65 11.81
CA VAL A 33 -11.64 11.12 12.54
C VAL A 33 -11.97 10.18 13.70
N LYS A 34 -11.75 8.89 13.48
CA LYS A 34 -12.00 7.87 14.51
C LYS A 34 -10.99 8.01 15.65
N ASP A 35 -9.73 8.16 15.28
CA ASP A 35 -8.65 8.30 16.26
C ASP A 35 -8.82 9.60 17.05
N TRP A 36 -9.31 10.63 16.36
CA TRP A 36 -9.54 11.93 16.97
C TRP A 36 -10.61 11.84 18.05
N ILE A 37 -11.73 11.20 17.72
CA ILE A 37 -12.83 11.05 18.66
C ILE A 37 -12.69 9.73 19.43
N SER A 38 -11.70 9.67 20.30
CA SER A 38 -11.46 8.50 21.11
C SER A 38 -11.08 8.91 22.54
N LYS A 39 -12.08 9.35 23.30
CA LYS A 39 -11.89 9.79 24.68
C LYS A 39 -10.95 10.99 24.75
N PRO A 40 -11.35 12.14 24.19
CA PRO A 40 -10.54 13.36 24.18
C PRO A 40 -10.36 13.91 25.59
N MET A 1 11.36 -4.07 -33.35
CA MET A 1 10.64 -3.14 -32.46
C MET A 1 10.73 -3.60 -31.00
N LYS A 2 10.33 -4.84 -30.75
CA LYS A 2 10.38 -5.39 -29.40
C LYS A 2 11.75 -5.98 -29.11
N VAL A 3 12.30 -5.62 -27.96
CA VAL A 3 13.60 -6.12 -27.56
C VAL A 3 13.46 -7.41 -26.75
N HIS A 4 14.10 -8.46 -27.22
CA HIS A 4 14.03 -9.75 -26.54
C HIS A 4 15.27 -10.60 -26.84
N ARG A 5 16.43 -10.03 -26.58
CA ARG A 5 17.69 -10.73 -26.79
C ARG A 5 18.67 -10.41 -25.66
N MET A 6 18.17 -10.55 -24.43
CA MET A 6 18.95 -10.31 -23.21
C MET A 6 19.51 -8.88 -23.19
N PRO A 7 18.62 -7.89 -22.98
CA PRO A 7 19.02 -6.49 -22.93
C PRO A 7 19.50 -6.07 -21.55
N LYS A 8 20.22 -4.97 -21.49
CA LYS A 8 20.74 -4.45 -20.23
C LYS A 8 19.89 -3.28 -19.75
N GLY A 9 19.49 -3.32 -18.50
CA GLY A 9 18.68 -2.25 -17.95
C GLY A 9 18.78 -2.14 -16.44
N VAL A 10 17.67 -1.83 -15.79
CA VAL A 10 17.64 -1.69 -14.35
C VAL A 10 16.62 -2.64 -13.71
N VAL A 11 17.12 -3.73 -13.15
CA VAL A 11 16.24 -4.71 -12.51
C VAL A 11 16.08 -4.41 -11.02
N LEU A 12 16.17 -3.13 -10.68
CA LEU A 12 16.05 -2.68 -9.30
C LEU A 12 14.59 -2.67 -8.87
N VAL A 13 13.68 -2.69 -9.84
CA VAL A 13 12.26 -2.68 -9.57
C VAL A 13 11.80 -4.06 -9.10
N GLY A 14 11.31 -4.15 -7.88
CA GLY A 14 10.86 -5.41 -7.33
C GLY A 14 9.36 -5.44 -7.14
N LYS A 15 8.92 -5.57 -5.89
CA LYS A 15 7.50 -5.61 -5.57
C LYS A 15 7.14 -4.47 -4.63
N ALA A 16 7.72 -3.30 -4.88
CA ALA A 16 7.49 -2.12 -4.06
C ALA A 16 6.06 -1.63 -4.19
N TRP A 17 5.55 -1.58 -5.42
CA TRP A 17 4.19 -1.13 -5.67
C TRP A 17 3.19 -2.14 -5.13
N GLU A 18 3.57 -3.40 -5.15
CA GLU A 18 2.72 -4.48 -4.68
C GLU A 18 2.51 -4.38 -3.16
N ILE A 19 3.60 -4.17 -2.42
CA ILE A 19 3.49 -4.05 -0.97
C ILE A 19 2.79 -2.74 -0.58
N ARG A 20 3.02 -1.70 -1.38
CA ARG A 20 2.41 -0.40 -1.14
C ARG A 20 0.90 -0.48 -1.32
N ALA A 21 0.48 -1.10 -2.41
CA ALA A 21 -0.94 -1.26 -2.73
C ALA A 21 -1.66 -2.00 -1.61
N LYS A 22 -1.08 -3.11 -1.16
CA LYS A 22 -1.68 -3.91 -0.11
C LYS A 22 -1.82 -3.12 1.19
N LEU A 23 -0.77 -2.38 1.54
CA LEU A 23 -0.78 -1.58 2.77
C LEU A 23 -1.79 -0.45 2.70
N LYS A 24 -2.02 0.06 1.50
CA LYS A 24 -2.96 1.15 1.29
C LYS A 24 -4.40 0.63 1.28
N GLU A 25 -4.58 -0.59 0.80
CA GLU A 25 -5.92 -1.18 0.72
C GLU A 25 -6.32 -1.81 2.05
N TYR A 26 -5.36 -2.44 2.71
CA TYR A 26 -5.61 -3.11 3.99
C TYR A 26 -5.50 -2.11 5.15
N GLY A 27 -4.86 -0.99 4.90
CA GLY A 27 -4.69 0.01 5.94
C GLY A 27 -5.71 1.12 5.87
N ARG A 28 -5.31 2.25 5.29
CA ARG A 28 -6.17 3.44 5.15
C ARG A 28 -6.64 3.93 6.51
N THR A 29 -5.71 3.97 7.47
CA THR A 29 -6.01 4.42 8.82
C THR A 29 -6.11 5.94 8.90
N PHE A 30 -7.06 6.50 8.14
CA PHE A 30 -7.25 7.94 8.11
C PHE A 30 -8.65 8.31 8.56
N GLN A 31 -9.11 7.69 9.64
CA GLN A 31 -10.44 7.96 10.17
C GLN A 31 -10.41 9.15 11.12
N TYR A 32 -9.22 9.45 11.64
CA TYR A 32 -9.04 10.54 12.58
C TYR A 32 -9.49 11.88 12.00
N VAL A 33 -9.26 12.10 10.71
CA VAL A 33 -9.64 13.35 10.06
C VAL A 33 -11.16 13.52 10.02
N LYS A 34 -11.88 12.40 10.02
CA LYS A 34 -13.33 12.42 9.99
C LYS A 34 -13.88 12.37 11.42
N ASP A 35 -13.00 12.04 12.35
CA ASP A 35 -13.36 11.93 13.76
C ASP A 35 -13.22 13.28 14.44
N TRP A 36 -12.15 14.00 14.09
CA TRP A 36 -11.91 15.32 14.65
C TRP A 36 -12.62 16.37 13.82
N ILE A 37 -13.52 17.11 14.47
CA ILE A 37 -14.27 18.16 13.80
C ILE A 37 -13.38 19.36 13.47
N SER A 38 -13.60 19.94 12.31
CA SER A 38 -12.83 21.09 11.87
C SER A 38 -13.55 22.39 12.24
N LYS A 39 -14.41 22.31 13.24
CA LYS A 39 -15.16 23.46 13.69
C LYS A 39 -14.87 23.74 15.17
N PRO A 40 -14.34 24.93 15.48
CA PRO A 40 -14.05 25.31 16.85
C PRO A 40 -15.29 25.84 17.57
N MET A 1 -13.16 5.11 -9.51
CA MET A 1 -11.69 5.21 -9.38
C MET A 1 -11.00 4.30 -10.41
N LYS A 2 -11.39 3.02 -10.42
CA LYS A 2 -10.85 2.03 -11.35
C LYS A 2 -9.36 1.80 -11.11
N VAL A 3 -8.89 2.10 -9.92
CA VAL A 3 -7.49 1.94 -9.57
C VAL A 3 -7.09 0.46 -9.51
N HIS A 4 -8.08 -0.40 -9.25
CA HIS A 4 -7.80 -1.84 -9.18
C HIS A 4 -8.39 -2.54 -10.41
N ARG A 5 -8.66 -1.76 -11.44
CA ARG A 5 -9.20 -2.28 -12.69
C ARG A 5 -8.27 -1.88 -13.82
N MET A 6 -6.98 -1.83 -13.50
CA MET A 6 -5.94 -1.42 -14.44
C MET A 6 -6.23 -0.02 -14.97
N PRO A 7 -5.92 1.00 -14.15
CA PRO A 7 -6.17 2.40 -14.51
C PRO A 7 -5.25 2.85 -15.65
N LYS A 8 -4.02 2.36 -15.62
CA LYS A 8 -3.03 2.66 -16.65
C LYS A 8 -2.25 1.40 -16.98
N GLY A 9 -1.22 1.53 -17.82
CA GLY A 9 -0.42 0.38 -18.18
C GLY A 9 0.49 -0.06 -17.04
N VAL A 10 1.78 0.30 -17.14
CA VAL A 10 2.77 -0.03 -16.12
C VAL A 10 2.79 -1.53 -15.82
N VAL A 11 3.42 -2.29 -16.70
CA VAL A 11 3.49 -3.74 -16.55
C VAL A 11 4.78 -4.17 -15.85
N LEU A 12 5.80 -3.32 -15.91
CA LEU A 12 7.09 -3.62 -15.31
C LEU A 12 7.12 -3.16 -13.84
N VAL A 13 6.11 -3.56 -13.09
CA VAL A 13 6.01 -3.20 -11.69
C VAL A 13 6.84 -4.12 -10.81
N GLY A 14 7.27 -3.60 -9.68
CA GLY A 14 8.06 -4.38 -8.75
C GLY A 14 7.29 -4.65 -7.46
N LYS A 15 7.88 -5.41 -6.56
CA LYS A 15 7.24 -5.75 -5.29
C LYS A 15 6.98 -4.50 -4.45
N ALA A 16 7.79 -3.47 -4.65
CA ALA A 16 7.63 -2.22 -3.90
C ALA A 16 6.32 -1.53 -4.25
N TRP A 17 5.83 -1.80 -5.45
CA TRP A 17 4.59 -1.22 -5.91
C TRP A 17 3.41 -1.98 -5.32
N GLU A 18 3.54 -3.30 -5.29
CA GLU A 18 2.48 -4.16 -4.79
C GLU A 18 2.34 -4.06 -3.27
N ILE A 19 3.47 -3.99 -2.56
CA ILE A 19 3.42 -3.89 -1.11
C ILE A 19 2.70 -2.62 -0.68
N ARG A 20 2.94 -1.53 -1.40
CA ARG A 20 2.31 -0.26 -1.11
C ARG A 20 0.83 -0.33 -1.40
N ALA A 21 0.48 -1.02 -2.48
CA ALA A 21 -0.91 -1.18 -2.87
C ALA A 21 -1.67 -2.01 -1.85
N LYS A 22 -1.00 -3.00 -1.29
CA LYS A 22 -1.61 -3.87 -0.28
C LYS A 22 -1.73 -3.12 1.04
N LEU A 23 -0.69 -2.37 1.38
CA LEU A 23 -0.67 -1.60 2.62
C LEU A 23 -1.78 -0.55 2.63
N LYS A 24 -2.03 0.09 1.49
CA LYS A 24 -3.07 1.10 1.42
C LYS A 24 -4.44 0.44 1.29
N GLU A 25 -4.45 -0.84 0.95
CA GLU A 25 -5.69 -1.59 0.79
C GLU A 25 -6.23 -2.02 2.15
N TYR A 26 -5.37 -2.58 3.00
CA TYR A 26 -5.81 -3.04 4.31
C TYR A 26 -5.55 -1.98 5.38
N GLY A 27 -4.55 -1.15 5.16
CA GLY A 27 -4.23 -0.11 6.12
C GLY A 27 -4.64 1.26 5.64
N ARG A 28 -5.88 1.35 5.16
CA ARG A 28 -6.42 2.61 4.67
C ARG A 28 -6.60 3.59 5.83
N THR A 29 -7.44 3.20 6.78
CA THR A 29 -7.70 4.03 7.95
C THR A 29 -8.25 3.18 9.07
N PHE A 30 -9.47 2.68 8.88
CA PHE A 30 -10.13 1.83 9.86
C PHE A 30 -10.78 0.64 9.17
N GLN A 31 -10.72 -0.52 9.78
CA GLN A 31 -11.30 -1.72 9.19
C GLN A 31 -12.30 -2.37 10.14
N TYR A 32 -11.92 -2.50 11.40
CA TYR A 32 -12.77 -3.14 12.40
C TYR A 32 -14.04 -2.32 12.65
N VAL A 33 -13.91 -1.00 12.63
CA VAL A 33 -15.05 -0.12 12.85
C VAL A 33 -16.09 -0.30 11.74
N LYS A 34 -15.62 -0.61 10.54
CA LYS A 34 -16.50 -0.80 9.40
C LYS A 34 -16.99 -2.24 9.31
N ASP A 35 -16.39 -3.11 10.10
CA ASP A 35 -16.77 -4.52 10.13
C ASP A 35 -17.78 -4.78 11.23
N TRP A 36 -17.63 -4.05 12.33
CA TRP A 36 -18.52 -4.20 13.47
C TRP A 36 -19.79 -3.38 13.29
N ILE A 37 -19.64 -2.17 12.79
CA ILE A 37 -20.79 -1.28 12.59
C ILE A 37 -21.24 -1.32 11.14
N SER A 38 -22.54 -1.54 10.94
CA SER A 38 -23.14 -1.62 9.61
C SER A 38 -22.57 -2.80 8.84
N LYS A 39 -22.87 -4.00 9.34
CA LYS A 39 -22.40 -5.23 8.72
C LYS A 39 -23.59 -6.06 8.24
N PRO A 40 -23.81 -6.12 6.91
CA PRO A 40 -24.91 -6.89 6.33
C PRO A 40 -24.81 -8.38 6.68
N MET A 1 -14.55 -2.11 -14.21
CA MET A 1 -14.20 -0.97 -13.33
C MET A 1 -15.04 -0.97 -12.06
N LYS A 2 -16.35 -1.21 -12.20
CA LYS A 2 -17.25 -1.21 -11.06
C LYS A 2 -17.17 -2.52 -10.29
N VAL A 3 -16.00 -2.79 -9.70
CA VAL A 3 -15.78 -4.00 -8.93
C VAL A 3 -14.82 -3.71 -7.77
N HIS A 4 -13.61 -3.29 -8.12
CA HIS A 4 -12.58 -2.97 -7.15
C HIS A 4 -11.70 -1.86 -7.70
N ARG A 5 -10.76 -1.39 -6.90
CA ARG A 5 -9.87 -0.32 -7.35
C ARG A 5 -8.81 -0.87 -8.29
N MET A 6 -8.60 -2.18 -8.23
CA MET A 6 -7.62 -2.84 -9.08
C MET A 6 -8.06 -4.28 -9.39
N PRO A 7 -8.97 -4.46 -10.36
CA PRO A 7 -9.46 -5.78 -10.74
C PRO A 7 -8.48 -6.54 -11.63
N LYS A 8 -7.59 -5.80 -12.28
CA LYS A 8 -6.60 -6.37 -13.17
C LYS A 8 -5.24 -5.77 -12.89
N GLY A 9 -4.18 -6.53 -13.13
CA GLY A 9 -2.84 -6.04 -12.91
C GLY A 9 -1.79 -7.08 -13.20
N VAL A 10 -1.56 -7.34 -14.48
CA VAL A 10 -0.56 -8.32 -14.88
C VAL A 10 0.80 -7.67 -15.10
N VAL A 11 0.80 -6.35 -15.22
CA VAL A 11 2.04 -5.61 -15.44
C VAL A 11 2.63 -5.18 -14.09
N LEU A 12 3.12 -6.17 -13.34
CA LEU A 12 3.72 -5.92 -12.04
C LEU A 12 5.23 -5.80 -12.15
N VAL A 13 5.70 -4.57 -12.28
CA VAL A 13 7.13 -4.33 -12.39
C VAL A 13 7.69 -3.79 -11.08
N GLY A 14 7.96 -4.69 -10.15
CA GLY A 14 8.48 -4.30 -8.86
C GLY A 14 7.51 -4.58 -7.74
N LYS A 15 7.93 -5.42 -6.79
CA LYS A 15 7.11 -5.79 -5.65
C LYS A 15 6.94 -4.62 -4.69
N ALA A 16 7.74 -3.57 -4.90
CA ALA A 16 7.68 -2.38 -4.07
C ALA A 16 6.33 -1.69 -4.27
N TRP A 17 5.74 -1.89 -5.44
CA TRP A 17 4.45 -1.31 -5.76
C TRP A 17 3.34 -2.12 -5.10
N GLU A 18 3.54 -3.43 -5.03
CA GLU A 18 2.56 -4.34 -4.44
C GLU A 18 2.44 -4.09 -2.94
N ILE A 19 3.58 -3.96 -2.26
CA ILE A 19 3.58 -3.74 -0.82
C ILE A 19 2.89 -2.41 -0.47
N ARG A 20 3.06 -1.41 -1.32
CA ARG A 20 2.44 -0.12 -1.08
C ARG A 20 0.94 -0.18 -1.33
N ALA A 21 0.56 -0.88 -2.40
CA ALA A 21 -0.85 -1.03 -2.75
C ALA A 21 -1.58 -1.88 -1.71
N LYS A 22 -0.91 -2.92 -1.26
CA LYS A 22 -1.47 -3.82 -0.25
C LYS A 22 -1.67 -3.09 1.07
N LEU A 23 -0.72 -2.22 1.39
CA LEU A 23 -0.77 -1.46 2.64
C LEU A 23 -1.84 -0.38 2.61
N LYS A 24 -2.21 0.09 1.43
CA LYS A 24 -3.24 1.13 1.32
C LYS A 24 -4.63 0.50 1.22
N GLU A 25 -4.68 -0.77 0.86
CA GLU A 25 -5.94 -1.48 0.72
C GLU A 25 -6.33 -2.14 2.05
N TYR A 26 -5.35 -2.68 2.75
CA TYR A 26 -5.61 -3.34 4.03
C TYR A 26 -5.31 -2.43 5.21
N GLY A 27 -4.46 -1.44 5.00
CA GLY A 27 -4.10 -0.53 6.07
C GLY A 27 -4.99 0.68 6.13
N ARG A 28 -6.14 0.57 5.49
CA ARG A 28 -7.11 1.65 5.47
C ARG A 28 -8.21 1.33 6.47
N THR A 29 -8.54 2.29 7.32
CA THR A 29 -9.56 2.09 8.32
C THR A 29 -10.91 1.77 7.66
N PHE A 30 -11.53 0.68 8.11
CA PHE A 30 -12.81 0.26 7.57
C PHE A 30 -13.80 0.03 8.70
N GLN A 31 -15.06 0.34 8.46
CA GLN A 31 -16.09 0.18 9.48
C GLN A 31 -17.32 -0.53 8.93
N TYR A 32 -17.72 -0.15 7.72
CA TYR A 32 -18.90 -0.73 7.08
C TYR A 32 -18.74 -2.25 6.91
N VAL A 33 -17.65 -2.68 6.30
CA VAL A 33 -17.42 -4.10 6.08
C VAL A 33 -17.07 -4.81 7.38
N LYS A 34 -16.84 -4.05 8.44
CA LYS A 34 -16.52 -4.62 9.73
C LYS A 34 -17.80 -5.01 10.44
N ASP A 35 -18.78 -4.13 10.39
CA ASP A 35 -20.07 -4.36 11.02
C ASP A 35 -20.90 -5.31 10.16
N TRP A 36 -20.79 -5.13 8.85
CA TRP A 36 -21.52 -5.97 7.91
C TRP A 36 -20.77 -7.27 7.65
N ILE A 37 -21.05 -8.28 8.44
CA ILE A 37 -20.39 -9.57 8.30
C ILE A 37 -20.96 -10.34 7.11
N SER A 38 -20.08 -10.75 6.21
CA SER A 38 -20.49 -11.51 5.04
C SER A 38 -20.02 -12.95 5.16
N LYS A 39 -19.02 -13.16 6.00
CA LYS A 39 -18.46 -14.49 6.22
C LYS A 39 -18.01 -14.61 7.67
N PRO A 40 -18.90 -15.13 8.54
CA PRO A 40 -18.61 -15.30 9.96
C PRO A 40 -17.64 -16.46 10.22
N MET A 1 28.45 11.86 15.21
CA MET A 1 28.52 11.56 13.77
C MET A 1 27.15 11.70 13.14
N LYS A 2 27.10 12.35 11.98
CA LYS A 2 25.85 12.53 11.26
C LYS A 2 25.82 11.67 10.02
N VAL A 3 24.63 11.29 9.58
CA VAL A 3 24.49 10.47 8.39
C VAL A 3 23.67 11.21 7.34
N HIS A 4 24.31 11.50 6.21
CA HIS A 4 23.65 12.20 5.12
C HIS A 4 24.22 11.75 3.78
N ARG A 5 23.74 12.34 2.70
CA ARG A 5 24.19 12.01 1.34
C ARG A 5 23.86 10.56 0.99
N MET A 6 22.63 10.36 0.50
CA MET A 6 22.14 9.03 0.11
C MET A 6 22.36 8.00 1.22
N PRO A 7 21.62 8.14 2.34
CA PRO A 7 21.73 7.21 3.49
C PRO A 7 21.10 5.85 3.22
N LYS A 8 20.13 5.81 2.30
CA LYS A 8 19.46 4.56 1.99
C LYS A 8 19.47 4.27 0.49
N GLY A 9 19.14 5.28 -0.31
CA GLY A 9 19.11 5.14 -1.74
C GLY A 9 17.74 4.75 -2.25
N VAL A 10 17.32 3.53 -1.92
CA VAL A 10 16.01 3.00 -2.32
C VAL A 10 15.89 2.94 -3.84
N VAL A 11 16.79 2.20 -4.46
CA VAL A 11 16.78 2.05 -5.91
C VAL A 11 16.14 0.72 -6.30
N LEU A 12 15.76 -0.06 -5.30
CA LEU A 12 15.13 -1.35 -5.54
C LEU A 12 13.65 -1.17 -5.85
N VAL A 13 13.25 -1.58 -7.05
CA VAL A 13 11.86 -1.47 -7.47
C VAL A 13 11.31 -2.86 -7.79
N GLY A 14 10.01 -2.95 -8.04
CA GLY A 14 9.40 -4.21 -8.36
C GLY A 14 8.22 -4.54 -7.47
N LYS A 15 8.43 -5.47 -6.53
CA LYS A 15 7.38 -5.89 -5.61
C LYS A 15 7.00 -4.76 -4.67
N ALA A 16 7.91 -3.81 -4.51
CA ALA A 16 7.68 -2.66 -3.63
C ALA A 16 6.42 -1.89 -4.02
N TRP A 17 6.05 -1.98 -5.29
CA TRP A 17 4.85 -1.29 -5.78
C TRP A 17 3.59 -1.96 -5.25
N GLU A 18 3.57 -3.30 -5.28
CA GLU A 18 2.42 -4.05 -4.79
C GLU A 18 2.27 -3.89 -3.29
N ILE A 19 3.40 -3.81 -2.60
CA ILE A 19 3.41 -3.65 -1.14
C ILE A 19 2.65 -2.38 -0.75
N ARG A 20 2.90 -1.30 -1.49
CA ARG A 20 2.25 -0.03 -1.22
C ARG A 20 0.75 -0.14 -1.43
N ALA A 21 0.37 -0.83 -2.50
CA ALA A 21 -1.04 -1.03 -2.83
C ALA A 21 -1.72 -1.84 -1.74
N LYS A 22 -1.07 -2.92 -1.31
CA LYS A 22 -1.61 -3.79 -0.27
C LYS A 22 -1.74 -3.03 1.06
N LEU A 23 -0.73 -2.21 1.36
CA LEU A 23 -0.72 -1.42 2.57
C LEU A 23 -1.88 -0.44 2.59
N LYS A 24 -2.21 0.10 1.42
CA LYS A 24 -3.31 1.04 1.30
C LYS A 24 -4.66 0.33 1.42
N GLU A 25 -4.72 -0.90 0.93
CA GLU A 25 -5.94 -1.68 0.99
C GLU A 25 -6.30 -2.02 2.42
N TYR A 26 -5.30 -2.45 3.19
CA TYR A 26 -5.52 -2.83 4.58
C TYR A 26 -5.51 -1.59 5.48
N GLY A 27 -4.65 -0.64 5.16
CA GLY A 27 -4.54 0.57 5.95
C GLY A 27 -5.27 1.74 5.33
N ARG A 28 -6.50 1.51 4.92
CA ARG A 28 -7.31 2.56 4.31
C ARG A 28 -8.18 3.22 5.38
N THR A 29 -9.24 2.54 5.77
CA THR A 29 -10.15 3.04 6.79
C THR A 29 -10.74 1.90 7.59
N PHE A 30 -11.73 1.22 7.02
CA PHE A 30 -12.39 0.12 7.69
C PHE A 30 -11.62 -1.19 7.46
N GLN A 31 -10.58 -1.40 8.25
CA GLN A 31 -9.75 -2.59 8.14
C GLN A 31 -10.41 -3.80 8.81
N TYR A 32 -11.43 -3.54 9.62
CA TYR A 32 -12.13 -4.61 10.33
C TYR A 32 -12.80 -5.59 9.37
N VAL A 33 -13.20 -5.10 8.21
CA VAL A 33 -13.86 -5.94 7.22
C VAL A 33 -12.86 -6.87 6.51
N LYS A 34 -11.58 -6.57 6.67
CA LYS A 34 -10.54 -7.37 6.05
C LYS A 34 -10.04 -8.43 7.03
N ASP A 35 -10.03 -8.08 8.30
CA ASP A 35 -9.58 -9.01 9.34
C ASP A 35 -10.71 -9.96 9.73
N TRP A 36 -11.92 -9.45 9.72
CA TRP A 36 -13.09 -10.25 10.08
C TRP A 36 -14.10 -10.25 8.93
N ILE A 37 -14.05 -11.28 8.09
CA ILE A 37 -14.97 -11.37 6.96
C ILE A 37 -15.48 -12.80 6.76
N SER A 38 -16.79 -12.95 6.92
CA SER A 38 -17.45 -14.25 6.74
C SER A 38 -18.61 -14.09 5.76
N LYS A 39 -18.47 -13.13 4.84
CA LYS A 39 -19.48 -12.82 3.84
C LYS A 39 -20.80 -12.40 4.50
N PRO A 40 -20.84 -11.18 5.06
CA PRO A 40 -22.02 -10.65 5.70
C PRO A 40 -22.93 -9.94 4.69
N MET A 1 -16.20 -9.01 -16.91
CA MET A 1 -16.17 -10.46 -17.19
C MET A 1 -15.08 -11.15 -16.38
N LYS A 2 -13.82 -10.83 -16.68
CA LYS A 2 -12.69 -11.42 -15.97
C LYS A 2 -12.18 -10.48 -14.88
N VAL A 3 -12.11 -9.19 -15.19
CA VAL A 3 -11.65 -8.20 -14.22
C VAL A 3 -12.84 -7.38 -13.72
N HIS A 4 -12.65 -6.65 -12.63
CA HIS A 4 -13.73 -5.84 -12.07
C HIS A 4 -13.88 -4.55 -12.87
N ARG A 5 -12.77 -3.85 -13.07
CA ARG A 5 -12.78 -2.60 -13.82
C ARG A 5 -11.35 -2.10 -14.05
N MET A 6 -10.62 -1.91 -12.96
CA MET A 6 -9.25 -1.43 -13.04
C MET A 6 -8.28 -2.51 -12.55
N PRO A 7 -7.58 -3.18 -13.47
CA PRO A 7 -6.62 -4.22 -13.13
C PRO A 7 -5.29 -3.64 -12.64
N LYS A 8 -4.33 -4.52 -12.37
CA LYS A 8 -3.03 -4.09 -11.90
C LYS A 8 -1.97 -4.37 -12.95
N GLY A 9 -1.83 -3.45 -13.90
CA GLY A 9 -0.85 -3.60 -14.96
C GLY A 9 0.54 -3.21 -14.49
N VAL A 10 1.11 -3.99 -13.59
CA VAL A 10 2.43 -3.72 -13.06
C VAL A 10 3.49 -4.42 -13.90
N VAL A 11 4.00 -3.70 -14.89
CA VAL A 11 5.02 -4.24 -15.78
C VAL A 11 6.40 -4.02 -15.17
N LEU A 12 6.50 -2.98 -14.34
CA LEU A 12 7.74 -2.64 -13.68
C LEU A 12 8.15 -3.73 -12.70
N VAL A 13 9.42 -4.10 -12.73
CA VAL A 13 9.94 -5.13 -11.83
C VAL A 13 10.06 -4.59 -10.40
N GLY A 14 9.63 -5.39 -9.44
CA GLY A 14 9.70 -4.98 -8.05
C GLY A 14 8.36 -5.15 -7.36
N LYS A 15 8.40 -5.58 -6.11
CA LYS A 15 7.18 -5.77 -5.34
C LYS A 15 6.91 -4.57 -4.44
N ALA A 16 7.68 -3.51 -4.61
CA ALA A 16 7.52 -2.30 -3.81
C ALA A 16 6.13 -1.70 -4.03
N TRP A 17 5.73 -1.62 -5.30
CA TRP A 17 4.43 -1.08 -5.66
C TRP A 17 3.32 -2.00 -5.14
N GLU A 18 3.61 -3.30 -5.17
CA GLU A 18 2.66 -4.30 -4.71
C GLU A 18 2.41 -4.14 -3.22
N ILE A 19 3.49 -4.04 -2.46
CA ILE A 19 3.41 -3.86 -1.01
C ILE A 19 2.69 -2.54 -0.70
N ARG A 20 3.00 -1.52 -1.49
CA ARG A 20 2.39 -0.21 -1.32
C ARG A 20 0.88 -0.30 -1.49
N ALA A 21 0.44 -0.92 -2.57
CA ALA A 21 -0.98 -1.06 -2.86
C ALA A 21 -1.65 -1.93 -1.79
N LYS A 22 -0.96 -3.00 -1.41
CA LYS A 22 -1.46 -3.94 -0.40
C LYS A 22 -1.68 -3.26 0.94
N LEU A 23 -0.74 -2.42 1.34
CA LEU A 23 -0.84 -1.75 2.62
C LEU A 23 -1.86 -0.63 2.58
N LYS A 24 -2.09 -0.06 1.40
CA LYS A 24 -3.05 1.02 1.25
C LYS A 24 -4.48 0.50 1.23
N GLU A 25 -4.66 -0.77 0.89
CA GLU A 25 -5.99 -1.37 0.87
C GLU A 25 -6.28 -2.07 2.20
N TYR A 26 -5.22 -2.39 2.93
CA TYR A 26 -5.34 -3.07 4.22
C TYR A 26 -5.41 -2.04 5.34
N GLY A 27 -4.57 -1.02 5.25
CA GLY A 27 -4.53 0.02 6.25
C GLY A 27 -4.37 1.39 5.64
N ARG A 28 -5.49 2.00 5.27
CA ARG A 28 -5.48 3.31 4.63
C ARG A 28 -5.43 4.43 5.67
N THR A 29 -4.28 4.62 6.29
CA THR A 29 -4.11 5.68 7.28
C THR A 29 -3.67 6.97 6.59
N PHE A 30 -4.66 7.67 6.04
CA PHE A 30 -4.44 8.94 5.35
C PHE A 30 -3.47 8.78 4.18
N GLN A 31 -2.86 9.89 3.78
CA GLN A 31 -1.90 9.92 2.69
C GLN A 31 -1.19 11.25 2.67
N TYR A 32 -1.96 12.32 2.45
CA TYR A 32 -1.41 13.67 2.40
C TYR A 32 -0.82 14.07 3.75
N VAL A 33 -1.42 13.57 4.83
CA VAL A 33 -0.94 13.88 6.17
C VAL A 33 0.34 13.09 6.47
N LYS A 34 0.45 11.91 5.88
CA LYS A 34 1.62 11.05 6.08
C LYS A 34 2.83 11.65 5.38
N ASP A 35 2.59 12.17 4.17
CA ASP A 35 3.65 12.78 3.37
C ASP A 35 3.89 14.22 3.83
N TRP A 36 2.84 14.85 4.32
CA TRP A 36 2.90 16.24 4.80
C TRP A 36 3.32 17.16 3.67
N ILE A 37 2.55 17.15 2.60
CA ILE A 37 2.83 17.97 1.43
C ILE A 37 2.62 19.46 1.73
N SER A 38 1.65 19.74 2.60
CA SER A 38 1.32 21.13 2.98
C SER A 38 0.93 21.94 1.74
N LYS A 39 -0.25 21.68 1.21
CA LYS A 39 -0.74 22.38 0.04
C LYS A 39 -1.30 23.74 0.43
N PRO A 40 -0.67 24.83 -0.02
CA PRO A 40 -1.10 26.19 0.29
C PRO A 40 -2.45 26.52 -0.33
N MET A 1 -7.60 1.21 -19.00
CA MET A 1 -6.56 0.69 -19.92
C MET A 1 -5.21 0.63 -19.22
N LYS A 2 -4.74 -0.58 -18.95
CA LYS A 2 -3.47 -0.78 -18.28
C LYS A 2 -2.66 -1.87 -18.98
N VAL A 3 -3.13 -3.10 -18.85
CA VAL A 3 -2.47 -4.24 -19.47
C VAL A 3 -2.84 -4.33 -20.94
N HIS A 4 -1.85 -4.56 -21.80
CA HIS A 4 -2.10 -4.67 -23.22
C HIS A 4 -2.87 -5.96 -23.55
N ARG A 5 -2.43 -7.07 -22.98
CA ARG A 5 -3.09 -8.35 -23.20
C ARG A 5 -2.75 -9.37 -22.12
N MET A 6 -1.46 -9.64 -21.96
CA MET A 6 -1.01 -10.61 -20.98
C MET A 6 -0.58 -9.92 -19.67
N PRO A 7 -1.40 -10.07 -18.60
CA PRO A 7 -1.09 -9.50 -17.30
C PRO A 7 -0.31 -10.46 -16.43
N LYS A 8 0.40 -11.38 -17.08
CA LYS A 8 1.19 -12.38 -16.39
C LYS A 8 2.64 -11.94 -16.29
N GLY A 9 3.24 -12.21 -15.15
CA GLY A 9 4.62 -11.85 -14.92
C GLY A 9 5.06 -12.23 -13.53
N VAL A 10 6.27 -12.73 -13.39
CA VAL A 10 6.80 -13.12 -12.10
C VAL A 10 7.96 -12.22 -11.71
N VAL A 11 7.69 -11.27 -10.82
CA VAL A 11 8.71 -10.35 -10.35
C VAL A 11 8.75 -10.34 -8.81
N LEU A 12 9.77 -10.98 -8.25
CA LEU A 12 9.93 -11.05 -6.81
C LEU A 12 10.90 -9.99 -6.32
N VAL A 13 11.53 -9.30 -7.26
CA VAL A 13 12.51 -8.27 -6.93
C VAL A 13 11.82 -6.95 -6.60
N GLY A 14 11.91 -6.53 -5.34
CA GLY A 14 11.32 -5.29 -4.93
C GLY A 14 9.87 -5.43 -4.52
N LYS A 15 8.98 -5.41 -5.51
CA LYS A 15 7.54 -5.51 -5.29
C LYS A 15 7.04 -4.33 -4.47
N ALA A 16 7.73 -3.20 -4.61
CA ALA A 16 7.39 -1.97 -3.88
C ALA A 16 5.97 -1.52 -4.21
N TRP A 17 5.58 -1.69 -5.47
CA TRP A 17 4.24 -1.30 -5.89
C TRP A 17 3.20 -2.20 -5.28
N GLU A 18 3.50 -3.50 -5.23
CA GLU A 18 2.59 -4.49 -4.70
C GLU A 18 2.40 -4.31 -3.19
N ILE A 19 3.52 -4.15 -2.48
CA ILE A 19 3.46 -3.99 -1.03
C ILE A 19 2.84 -2.65 -0.65
N ARG A 20 3.00 -1.66 -1.51
CA ARG A 20 2.44 -0.33 -1.26
C ARG A 20 0.93 -0.34 -1.47
N ALA A 21 0.50 -1.04 -2.51
CA ALA A 21 -0.91 -1.13 -2.84
C ALA A 21 -1.65 -1.95 -1.80
N LYS A 22 -1.08 -3.09 -1.44
CA LYS A 22 -1.71 -3.98 -0.46
C LYS A 22 -1.76 -3.33 0.92
N LEU A 23 -0.74 -2.54 1.24
CA LEU A 23 -0.67 -1.88 2.54
C LEU A 23 -1.72 -0.79 2.65
N LYS A 24 -1.89 0.01 1.60
CA LYS A 24 -2.87 1.09 1.63
C LYS A 24 -4.28 0.54 1.41
N GLU A 25 -4.35 -0.72 1.01
CA GLU A 25 -5.64 -1.37 0.78
C GLU A 25 -6.27 -1.80 2.10
N TYR A 26 -5.45 -2.36 2.98
CA TYR A 26 -5.94 -2.81 4.27
C TYR A 26 -5.71 -1.77 5.36
N GLY A 27 -4.63 -1.00 5.21
CA GLY A 27 -4.32 0.01 6.19
C GLY A 27 -4.45 1.41 5.63
N ARG A 28 -5.58 1.69 5.03
CA ARG A 28 -5.84 2.99 4.44
C ARG A 28 -5.91 4.07 5.52
N THR A 29 -6.80 3.88 6.47
CA THR A 29 -6.98 4.83 7.54
C THR A 29 -6.55 4.25 8.89
N PHE A 30 -6.16 2.99 8.90
CA PHE A 30 -5.74 2.33 10.13
C PHE A 30 -4.45 2.94 10.67
N GLN A 31 -3.68 3.56 9.80
CA GLN A 31 -2.42 4.19 10.19
C GLN A 31 -2.68 5.33 11.18
N TYR A 32 -3.81 6.00 11.03
CA TYR A 32 -4.16 7.10 11.92
C TYR A 32 -4.57 6.60 13.30
N VAL A 33 -5.38 5.56 13.33
CA VAL A 33 -5.86 4.99 14.59
C VAL A 33 -4.72 4.27 15.34
N LYS A 34 -3.70 3.91 14.59
CA LYS A 34 -2.54 3.23 15.15
C LYS A 34 -1.52 4.25 15.67
N ASP A 35 -1.46 5.38 15.00
CA ASP A 35 -0.53 6.45 15.38
C ASP A 35 -1.08 7.26 16.55
N TRP A 36 -2.39 7.46 16.57
CA TRP A 36 -3.03 8.21 17.65
C TRP A 36 -3.08 7.37 18.92
N ILE A 37 -2.58 7.94 20.01
CA ILE A 37 -2.56 7.23 21.29
C ILE A 37 -3.23 8.07 22.37
N SER A 38 -3.94 7.40 23.27
CA SER A 38 -4.62 8.08 24.37
C SER A 38 -4.55 7.24 25.64
N LYS A 39 -4.83 5.96 25.52
CA LYS A 39 -4.79 5.06 26.66
C LYS A 39 -4.13 3.73 26.29
N PRO A 40 -2.80 3.65 26.44
CA PRO A 40 -2.04 2.43 26.12
C PRO A 40 -2.42 1.28 27.04
N MET A 1 -1.84 -19.35 -31.60
CA MET A 1 -1.60 -20.30 -30.49
C MET A 1 -0.26 -21.02 -30.69
N LYS A 2 0.13 -21.86 -29.73
CA LYS A 2 1.38 -22.62 -29.79
C LYS A 2 2.57 -21.66 -29.82
N VAL A 3 2.50 -20.63 -29.01
CA VAL A 3 3.56 -19.63 -28.93
C VAL A 3 4.64 -20.08 -27.94
N HIS A 4 5.61 -19.19 -27.72
CA HIS A 4 6.71 -19.47 -26.80
C HIS A 4 6.19 -19.58 -25.37
N ARG A 5 6.98 -20.20 -24.51
CA ARG A 5 6.62 -20.38 -23.11
C ARG A 5 6.40 -19.03 -22.43
N MET A 6 5.21 -18.85 -21.87
CA MET A 6 4.84 -17.61 -21.16
C MET A 6 4.79 -16.42 -22.13
N PRO A 7 3.72 -16.33 -22.94
CA PRO A 7 3.54 -15.22 -23.88
C PRO A 7 3.35 -13.89 -23.16
N LYS A 8 2.51 -13.92 -22.14
CA LYS A 8 2.20 -12.74 -21.33
C LYS A 8 1.78 -13.18 -19.93
N GLY A 9 1.40 -12.22 -19.10
CA GLY A 9 0.98 -12.55 -17.75
C GLY A 9 2.03 -12.17 -16.72
N VAL A 10 3.03 -11.43 -17.16
CA VAL A 10 4.10 -11.00 -16.27
C VAL A 10 3.68 -9.75 -15.51
N VAL A 11 3.33 -9.93 -14.24
CA VAL A 11 2.89 -8.81 -13.42
C VAL A 11 3.82 -8.60 -12.22
N LEU A 12 4.81 -9.48 -12.08
CA LEU A 12 5.75 -9.37 -10.98
C LEU A 12 6.84 -8.36 -11.29
N VAL A 13 6.44 -7.11 -11.47
CA VAL A 13 7.37 -6.03 -11.78
C VAL A 13 7.20 -4.89 -10.77
N GLY A 14 8.13 -4.79 -9.84
CA GLY A 14 8.06 -3.75 -8.84
C GLY A 14 7.37 -4.22 -7.58
N LYS A 15 8.12 -4.87 -6.70
CA LYS A 15 7.58 -5.38 -5.44
C LYS A 15 7.09 -4.23 -4.57
N ALA A 16 7.77 -3.09 -4.67
CA ALA A 16 7.42 -1.90 -3.90
C ALA A 16 5.99 -1.45 -4.21
N TRP A 17 5.55 -1.67 -5.43
CA TRP A 17 4.20 -1.27 -5.84
C TRP A 17 3.17 -2.23 -5.25
N GLU A 18 3.53 -3.50 -5.20
CA GLU A 18 2.64 -4.52 -4.67
C GLU A 18 2.46 -4.36 -3.17
N ILE A 19 3.57 -4.21 -2.45
CA ILE A 19 3.52 -4.07 -1.01
C ILE A 19 2.87 -2.75 -0.60
N ARG A 20 3.00 -1.74 -1.44
CA ARG A 20 2.39 -0.44 -1.16
C ARG A 20 0.89 -0.49 -1.40
N ALA A 21 0.49 -1.17 -2.46
CA ALA A 21 -0.92 -1.29 -2.80
C ALA A 21 -1.69 -2.08 -1.74
N LYS A 22 -1.15 -3.21 -1.32
CA LYS A 22 -1.80 -4.06 -0.34
C LYS A 22 -1.86 -3.38 1.03
N LEU A 23 -0.82 -2.63 1.37
CA LEU A 23 -0.77 -1.94 2.66
C LEU A 23 -1.72 -0.75 2.66
N LYS A 24 -1.88 -0.12 1.50
CA LYS A 24 -2.76 1.03 1.38
C LYS A 24 -4.21 0.59 1.45
N GLU A 25 -4.51 -0.53 0.81
CA GLU A 25 -5.86 -1.08 0.79
C GLU A 25 -6.30 -1.53 2.18
N TYR A 26 -5.41 -2.26 2.86
CA TYR A 26 -5.72 -2.75 4.20
C TYR A 26 -5.70 -1.61 5.21
N GLY A 27 -4.98 -0.56 4.89
CA GLY A 27 -4.89 0.58 5.77
C GLY A 27 -5.91 1.64 5.46
N ARG A 28 -6.92 1.28 4.67
CA ARG A 28 -7.97 2.22 4.30
C ARG A 28 -8.90 2.49 5.48
N THR A 29 -9.75 1.52 5.79
CA THR A 29 -10.69 1.65 6.89
C THR A 29 -11.25 0.29 7.30
N PHE A 30 -10.60 -0.33 8.29
CA PHE A 30 -11.00 -1.63 8.79
C PHE A 30 -10.92 -2.71 7.71
N GLN A 31 -11.42 -3.89 8.03
CA GLN A 31 -11.41 -5.00 7.09
C GLN A 31 -12.68 -5.00 6.26
N TYR A 32 -13.54 -4.03 6.53
CA TYR A 32 -14.81 -3.90 5.82
C TYR A 32 -14.60 -3.68 4.34
N VAL A 33 -13.46 -3.08 3.98
CA VAL A 33 -13.15 -2.83 2.59
C VAL A 33 -12.85 -4.14 1.86
N LYS A 34 -12.01 -4.96 2.48
CA LYS A 34 -11.62 -6.24 1.91
C LYS A 34 -12.82 -7.21 1.93
N ASP A 35 -13.70 -7.05 2.91
CA ASP A 35 -14.87 -7.90 3.03
C ASP A 35 -15.92 -7.50 2.01
N TRP A 36 -16.00 -6.20 1.73
CA TRP A 36 -16.96 -5.66 0.79
C TRP A 36 -16.67 -6.17 -0.63
N ILE A 37 -15.41 -6.07 -1.02
CA ILE A 37 -15.00 -6.52 -2.35
C ILE A 37 -14.57 -7.98 -2.32
N SER A 38 -14.28 -8.53 -3.48
CA SER A 38 -13.85 -9.91 -3.57
C SER A 38 -12.43 -9.98 -4.14
N LYS A 39 -11.46 -9.75 -3.27
CA LYS A 39 -10.06 -9.78 -3.67
C LYS A 39 -9.26 -10.73 -2.78
N PRO A 40 -8.77 -11.84 -3.35
CA PRO A 40 -7.97 -12.83 -2.61
C PRO A 40 -6.55 -12.32 -2.37
N MET A 1 18.68 -3.37 18.40
CA MET A 1 18.88 -4.75 18.87
C MET A 1 17.57 -5.54 18.80
N LYS A 2 16.89 -5.45 17.66
CA LYS A 2 15.63 -6.14 17.49
C LYS A 2 15.71 -7.10 16.31
N VAL A 3 15.72 -8.39 16.62
CA VAL A 3 15.80 -9.42 15.59
C VAL A 3 14.41 -9.75 15.07
N HIS A 4 13.39 -9.41 15.87
CA HIS A 4 11.99 -9.66 15.52
C HIS A 4 11.72 -11.16 15.35
N ARG A 5 10.57 -11.47 14.75
CA ARG A 5 10.20 -12.86 14.53
C ARG A 5 10.68 -13.30 13.16
N MET A 6 10.67 -12.37 12.21
CA MET A 6 11.11 -12.66 10.86
C MET A 6 12.18 -11.65 10.43
N PRO A 7 13.44 -11.92 10.76
CA PRO A 7 14.56 -11.02 10.42
C PRO A 7 14.99 -11.16 8.96
N LYS A 8 14.26 -11.95 8.19
CA LYS A 8 14.57 -12.16 6.79
C LYS A 8 13.66 -11.30 5.90
N GLY A 9 13.04 -10.30 6.51
CA GLY A 9 12.14 -9.42 5.79
C GLY A 9 12.88 -8.41 4.93
N VAL A 10 13.88 -8.87 4.19
CA VAL A 10 14.67 -8.03 3.31
C VAL A 10 14.70 -8.61 1.90
N VAL A 11 13.83 -9.59 1.68
CA VAL A 11 13.72 -10.25 0.38
C VAL A 11 12.60 -9.63 -0.45
N LEU A 12 11.85 -8.72 0.17
CA LEU A 12 10.74 -8.06 -0.51
C LEU A 12 11.25 -6.90 -1.36
N VAL A 13 11.88 -7.24 -2.48
CA VAL A 13 12.41 -6.23 -3.38
C VAL A 13 11.70 -6.30 -4.72
N GLY A 14 11.61 -5.17 -5.42
CA GLY A 14 10.96 -5.12 -6.71
C GLY A 14 9.45 -5.01 -6.60
N LYS A 15 8.88 -5.69 -5.61
CA LYS A 15 7.44 -5.68 -5.41
C LYS A 15 7.01 -4.51 -4.53
N ALA A 16 7.78 -3.43 -4.56
CA ALA A 16 7.49 -2.24 -3.78
C ALA A 16 6.14 -1.65 -4.19
N TRP A 17 5.81 -1.80 -5.46
CA TRP A 17 4.55 -1.30 -6.00
C TRP A 17 3.38 -2.09 -5.42
N GLU A 18 3.59 -3.38 -5.20
CA GLU A 18 2.54 -4.25 -4.67
C GLU A 18 2.41 -4.05 -3.16
N ILE A 19 3.54 -3.92 -2.47
CA ILE A 19 3.52 -3.76 -1.03
C ILE A 19 2.82 -2.47 -0.62
N ARG A 20 2.97 -1.42 -1.43
CA ARG A 20 2.34 -0.14 -1.13
C ARG A 20 0.85 -0.19 -1.48
N ALA A 21 0.50 -1.04 -2.43
CA ALA A 21 -0.89 -1.17 -2.86
C ALA A 21 -1.69 -2.00 -1.86
N LYS A 22 -1.11 -3.12 -1.43
CA LYS A 22 -1.77 -4.00 -0.48
C LYS A 22 -1.84 -3.39 0.91
N LEU A 23 -0.88 -2.54 1.23
CA LEU A 23 -0.84 -1.89 2.54
C LEU A 23 -1.88 -0.78 2.61
N LYS A 24 -2.06 -0.06 1.51
CA LYS A 24 -3.04 1.03 1.47
C LYS A 24 -4.45 0.46 1.45
N GLU A 25 -4.59 -0.75 0.94
CA GLU A 25 -5.88 -1.40 0.86
C GLU A 25 -6.29 -1.96 2.22
N TYR A 26 -5.29 -2.30 3.02
CA TYR A 26 -5.54 -2.87 4.34
C TYR A 26 -5.53 -1.77 5.40
N GLY A 27 -4.65 -0.80 5.25
CA GLY A 27 -4.54 0.27 6.22
C GLY A 27 -4.83 1.62 5.62
N ARG A 28 -6.06 1.80 5.17
CA ARG A 28 -6.49 3.05 4.55
C ARG A 28 -6.64 4.16 5.60
N THR A 29 -6.85 3.78 6.85
CA THR A 29 -7.01 4.73 7.94
C THR A 29 -5.83 4.71 8.91
N PHE A 30 -4.76 4.03 8.52
CA PHE A 30 -3.57 3.92 9.36
C PHE A 30 -2.71 5.17 9.26
N GLN A 31 -3.33 6.33 9.47
CA GLN A 31 -2.61 7.60 9.40
C GLN A 31 -2.64 8.32 10.74
N TYR A 32 -3.38 7.75 11.70
CA TYR A 32 -3.51 8.35 13.03
C TYR A 32 -2.16 8.54 13.72
N VAL A 33 -1.37 7.48 13.77
CA VAL A 33 -0.06 7.52 14.41
C VAL A 33 0.86 8.52 13.69
N LYS A 34 0.77 8.51 12.36
CA LYS A 34 1.60 9.39 11.54
C LYS A 34 1.20 10.85 11.71
N ASP A 35 -0.09 11.10 11.91
CA ASP A 35 -0.60 12.45 12.08
C ASP A 35 -0.29 12.99 13.47
N TRP A 36 -0.32 12.10 14.45
CA TRP A 36 -0.04 12.48 15.84
C TRP A 36 1.34 13.09 15.96
N ILE A 37 2.33 12.43 15.36
CA ILE A 37 3.70 12.92 15.39
C ILE A 37 4.14 13.36 14.00
N SER A 38 3.32 14.18 13.36
CA SER A 38 3.62 14.68 12.04
C SER A 38 4.74 15.72 12.09
N LYS A 39 4.41 16.87 12.69
CA LYS A 39 5.34 17.98 12.85
C LYS A 39 5.90 18.45 11.50
N PRO A 40 5.27 19.48 10.90
CA PRO A 40 5.71 20.01 9.61
C PRO A 40 7.10 20.62 9.70
#